data_4BCC
#
_entry.id   4BCC
#
_cell.length_a   70.490
_cell.length_b   99.140
_cell.length_c   110.260
_cell.angle_alpha   90.00
_cell.angle_beta   90.00
_cell.angle_gamma   90.00
#
_symmetry.space_group_name_H-M   'P 21 21 21'
#
loop_
_entity.id
_entity.type
_entity.pdbx_description
1 polymer 'PROLYL ENDOPEPTIDASE'
2 non-polymer 'tert-butyl N-[[1-[(3S,5S)-5-[(2S)-2-[azanyl(oxidanyl)methyl]pyrrolidin-1-yl]carbonyl-1-(4-phenylbutanoyl)pyrrolidin-3-yl]-1,2,3-triazol-4-yl]methyl]carbamate'
3 non-polymer TRIS(HYDROXYETHYL)AMINOMETHANE
4 non-polymer GLYCEROL
5 water water
#
_entity_poly.entity_id   1
_entity_poly.type   'polypeptide(L)'
_entity_poly.pdbx_seq_one_letter_code
;MLSFQYPDVYRDETAIQDYHGHKVCDPYAWLEDPDSEQTKAFVEAQNKITVPFLEQCPIRGLYKERMTELYDYPKYSCHF
KKGKRYFYFYNTGLQNQRVLYVQDSLEGEARVFLDPNILSDDGTVALRGYAFSEDGEYFAYGLSASGSDWVTIKFMKVDG
AKELPDVLERVKFSCMAWTHDGKGMFYNAYPQQDGKSDGTETSTNLHQKLYYHVLGTDQSEDILCAEFPDEPKWMGGAEL
SDDGRYVLLSIREGCDPVNRLWYCDLQQESNGITGILKWVKLIDNFEGEYDYVTNEGTVFTFKTNRHSPNYRLINIDFTD
PEESKWKVLVPEHEKDVLEWVACVRSNFLVLCYLHDVKNTLQLHDLATGALLKIFPLEVGSVVGYSGQKKDTEIFYQFTS
FLSPGIIYHCDLTKEELEPRVFREVTVKGIDASDYQTVQIFYPSKDGTKIPMFIVHKKGIKLDGSHPAFLYGYGGFNISI
TPNYSVSRLIFVRHMGGVLAVANIRGGGEYGETWHKGGILANKQNCFDDFQCAAEYLIKEGYTSPKRLTINGGSNGGLLV
ATCANQRPDLFGCVIAQVGVMDMLKFHKYTIGHAWTTDYGCSDSKQHFEWLIKYSPLHNVKLPEADDIQYPSMLLLTADH
DDRVVPLHSLKFIATLQYIVGRSRKQNNPLLIHVDTKAGHGAGKPTAKVIEEVSDMFAFIARCLNIDWIP
;
_entity_poly.pdbx_strand_id   A
#
loop_
_chem_comp.id
_chem_comp.type
_chem_comp.name
_chem_comp.formula
GOL non-polymer GLYCEROL 'C3 H8 O3'
JKT non-polymer 'tert-butyl N-[[1-[(3S,5S)-5-[(2S)-2-[azanyl(oxidanyl)methyl]pyrrolidin-1-yl]carbonyl-1-(4-phenylbutanoyl)pyrrolidin-3-yl]-1,2,3-triazol-4-yl]methyl]carbamate' 'C28 H41 N7 O5'
TAM non-polymer TRIS(HYDROXYETHYL)AMINOMETHANE 'C7 H17 N O3'
#
# COMPACT_ATOMS: atom_id res chain seq x y z
N MET A 1 27.56 -24.42 4.17
CA MET A 1 26.28 -23.81 4.62
C MET A 1 25.08 -24.36 3.84
N LEU A 2 25.28 -24.58 2.54
CA LEU A 2 24.20 -25.05 1.65
C LEU A 2 24.17 -26.57 1.57
N SER A 3 23.49 -27.19 2.53
CA SER A 3 23.33 -28.65 2.60
C SER A 3 21.99 -29.09 2.00
N PHE A 4 21.60 -28.44 0.91
CA PHE A 4 20.40 -28.83 0.17
C PHE A 4 20.71 -28.75 -1.33
N GLN A 5 19.82 -29.29 -2.15
CA GLN A 5 19.95 -29.15 -3.60
C GLN A 5 18.73 -28.41 -4.13
N TYR A 6 18.95 -27.56 -5.13
CA TYR A 6 17.82 -26.95 -5.80
C TYR A 6 17.03 -28.00 -6.56
N PRO A 7 15.71 -27.86 -6.58
CA PRO A 7 14.93 -28.86 -7.32
C PRO A 7 15.13 -28.78 -8.82
N ASP A 8 14.94 -29.91 -9.50
CA ASP A 8 15.02 -29.91 -10.95
C ASP A 8 13.72 -29.27 -11.46
N VAL A 9 13.85 -28.37 -12.42
CA VAL A 9 12.70 -27.61 -12.86
C VAL A 9 12.75 -27.61 -14.38
N TYR A 10 11.70 -28.18 -14.98
CA TYR A 10 11.64 -28.31 -16.44
C TYR A 10 11.74 -26.97 -17.16
N ARG A 11 12.57 -26.90 -18.19
CA ARG A 11 12.68 -25.72 -19.05
C ARG A 11 12.00 -25.99 -20.41
N ASP A 12 10.93 -25.23 -20.70
CA ASP A 12 10.29 -25.27 -22.01
C ASP A 12 11.08 -24.39 -22.96
N GLU A 13 12.01 -25.04 -23.66
CA GLU A 13 12.96 -24.32 -24.53
C GLU A 13 12.27 -23.91 -25.85
N THR A 14 11.03 -24.38 -26.04
CA THR A 14 10.19 -23.97 -27.17
C THR A 14 9.43 -22.65 -26.95
N ALA A 15 9.34 -22.20 -25.69
CA ALA A 15 8.59 -20.99 -25.33
C ALA A 15 9.39 -19.75 -25.75
N ILE A 16 9.14 -19.27 -26.97
CA ILE A 16 9.90 -18.14 -27.55
C ILE A 16 8.87 -17.17 -28.14
N GLN A 17 9.01 -15.90 -27.80
CA GLN A 17 8.10 -14.86 -28.28
C GLN A 17 8.91 -13.72 -28.92
N ASP A 18 8.43 -13.25 -30.07
CA ASP A 18 9.03 -12.08 -30.70
C ASP A 18 8.40 -10.80 -30.15
N TYR A 19 9.23 -9.93 -29.58
CA TYR A 19 8.76 -8.62 -29.16
C TYR A 19 9.43 -7.58 -30.06
N HIS A 20 8.70 -7.07 -31.03
CA HIS A 20 9.22 -6.05 -31.98
C HIS A 20 10.58 -6.38 -32.60
N GLY A 21 10.79 -7.67 -32.90
CA GLY A 21 12.04 -8.17 -33.48
C GLY A 21 13.06 -8.72 -32.50
N HIS A 22 12.78 -8.59 -31.20
CA HIS A 22 13.65 -9.07 -30.13
C HIS A 22 13.05 -10.40 -29.66
N LYS A 23 13.79 -11.49 -29.85
CA LYS A 23 13.33 -12.80 -29.37
C LYS A 23 13.58 -12.94 -27.87
N VAL A 24 12.53 -13.32 -27.14
CA VAL A 24 12.62 -13.57 -25.71
C VAL A 24 12.19 -15.02 -25.42
N CYS A 25 13.02 -15.76 -24.72
CA CYS A 25 12.69 -17.12 -24.33
C CYS A 25 12.13 -17.04 -22.93
N ASP A 26 11.08 -17.82 -22.65
CA ASP A 26 10.43 -17.82 -21.34
C ASP A 26 10.20 -19.29 -20.92
N PRO A 27 11.29 -19.99 -20.58
CA PRO A 27 11.24 -21.45 -20.37
C PRO A 27 10.42 -21.90 -19.16
N TYR A 28 10.12 -20.96 -18.25
CA TYR A 28 9.27 -21.30 -17.12
C TYR A 28 7.85 -20.72 -17.26
N ALA A 29 7.41 -20.46 -18.50
CA ALA A 29 6.07 -19.90 -18.73
C ALA A 29 4.97 -20.76 -18.10
N TRP A 30 5.22 -22.05 -18.02
CA TRP A 30 4.25 -22.98 -17.44
C TRP A 30 3.92 -22.68 -15.97
N LEU A 31 4.83 -22.03 -15.25
CA LEU A 31 4.53 -21.57 -13.88
C LEU A 31 3.45 -20.52 -13.76
N GLU A 32 3.00 -19.99 -14.90
CA GLU A 32 1.89 -19.02 -14.94
C GLU A 32 0.54 -19.66 -14.61
N ASP A 33 0.48 -20.99 -14.64
CA ASP A 33 -0.77 -21.69 -14.29
C ASP A 33 -0.74 -22.14 -12.84
N PRO A 34 -1.47 -21.44 -11.97
CA PRO A 34 -1.37 -21.76 -10.54
C PRO A 34 -2.06 -23.07 -10.19
N ASP A 35 -2.91 -23.57 -11.08
CA ASP A 35 -3.74 -24.75 -10.76
C ASP A 35 -3.14 -26.08 -11.21
N SER A 36 -2.04 -26.02 -11.96
CA SER A 36 -1.44 -27.26 -12.50
C SER A 36 -0.72 -28.08 -11.44
N GLU A 37 -0.68 -29.40 -11.67
CA GLU A 37 0.07 -30.26 -10.77
C GLU A 37 1.54 -29.89 -10.84
N GLN A 38 2.02 -29.44 -12.03
CA GLN A 38 3.43 -29.04 -12.19
C GLN A 38 3.78 -27.84 -11.30
N THR A 39 2.90 -26.85 -11.30
CA THR A 39 3.17 -25.66 -10.52
C THR A 39 3.08 -25.99 -9.04
N LYS A 40 2.07 -26.76 -8.65
CA LYS A 40 1.91 -27.15 -7.25
C LYS A 40 3.16 -27.90 -6.76
N ALA A 41 3.66 -28.81 -7.59
CA ALA A 41 4.79 -29.59 -7.20
C ALA A 41 6.03 -28.71 -7.11
N PHE A 42 6.11 -27.68 -7.97
CA PHE A 42 7.24 -26.73 -7.93
C PHE A 42 7.23 -26.01 -6.60
N VAL A 43 6.07 -25.50 -6.23
CA VAL A 43 5.93 -24.72 -5.00
C VAL A 43 6.31 -25.60 -3.79
N GLU A 44 5.77 -26.82 -3.76
CA GLU A 44 6.10 -27.75 -2.63
C GLU A 44 7.60 -28.03 -2.55
N ALA A 45 8.23 -28.23 -3.70
CA ALA A 45 9.67 -28.56 -3.71
C ALA A 45 10.51 -27.38 -3.22
N GLN A 46 10.10 -26.17 -3.58
CA GLN A 46 10.80 -24.96 -3.13
C GLN A 46 10.62 -24.76 -1.64
N ASN A 47 9.38 -24.86 -1.15
CA ASN A 47 9.13 -24.69 0.29
C ASN A 47 9.90 -25.73 1.11
N LYS A 48 10.10 -26.91 0.51
CA LYS A 48 10.74 -28.04 1.20
C LYS A 48 12.21 -27.75 1.52
N ILE A 49 12.85 -26.91 0.70
CA ILE A 49 14.24 -26.49 0.98
C ILE A 49 14.30 -25.20 1.77
N THR A 50 13.36 -24.30 1.53
CA THR A 50 13.43 -23.01 2.25
C THR A 50 13.11 -23.13 3.71
N VAL A 51 12.03 -23.84 4.05
CA VAL A 51 11.59 -23.88 5.45
C VAL A 51 12.67 -24.42 6.44
N PRO A 52 13.34 -25.54 6.09
CA PRO A 52 14.37 -25.99 7.03
C PRO A 52 15.56 -25.07 7.09
N PHE A 53 15.87 -24.40 5.98
CA PHE A 53 16.94 -23.41 6.03
C PHE A 53 16.63 -22.28 7.02
N LEU A 54 15.40 -21.77 6.97
CA LEU A 54 15.02 -20.65 7.85
C LEU A 54 14.89 -21.09 9.31
N GLU A 55 14.42 -22.31 9.53
CA GLU A 55 14.13 -22.79 10.89
C GLU A 55 15.33 -23.39 11.62
N GLN A 56 16.43 -23.62 10.90
CA GLN A 56 17.57 -24.38 11.44
C GLN A 56 18.26 -23.69 12.60
N CYS A 57 18.52 -22.38 12.49
CA CYS A 57 19.27 -21.72 13.55
C CYS A 57 18.39 -21.09 14.63
N PRO A 58 18.74 -21.31 15.91
CA PRO A 58 18.01 -20.82 17.08
C PRO A 58 17.63 -19.36 16.99
N ILE A 59 18.32 -18.61 16.13
CA ILE A 59 18.01 -17.17 16.01
C ILE A 59 16.57 -16.89 15.58
N ARG A 60 15.99 -17.72 14.73
CA ARG A 60 14.59 -17.51 14.35
C ARG A 60 13.67 -17.54 15.58
N GLY A 61 13.84 -18.55 16.42
CA GLY A 61 13.02 -18.62 17.65
C GLY A 61 13.26 -17.47 18.61
N LEU A 62 14.50 -17.03 18.70
CA LEU A 62 14.82 -15.87 19.55
C LEU A 62 14.15 -14.61 19.03
N TYR A 63 14.20 -14.45 17.70
CA TYR A 63 13.54 -13.30 17.08
C TYR A 63 12.02 -13.38 17.25
N LYS A 64 11.48 -14.57 17.01
CA LYS A 64 10.03 -14.76 17.12
C LYS A 64 9.56 -14.47 18.53
N GLU A 65 10.28 -14.96 19.53
CA GLU A 65 9.91 -14.68 20.93
C GLU A 65 9.91 -13.19 21.28
N ARG A 66 10.93 -12.48 20.82
CA ARG A 66 11.06 -11.06 21.09
C ARG A 66 9.99 -10.29 20.29
N MET A 67 9.73 -10.69 19.06
CA MET A 67 8.68 -10.03 18.26
C MET A 67 7.32 -10.20 18.96
N THR A 68 7.04 -11.41 19.41
CA THR A 68 5.77 -11.68 20.08
C THR A 68 5.60 -10.84 21.33
N GLU A 69 6.68 -10.69 22.13
CA GLU A 69 6.66 -9.87 23.33
C GLU A 69 6.51 -8.37 23.02
N LEU A 70 7.36 -7.85 22.13
CA LEU A 70 7.39 -6.41 21.87
C LEU A 70 6.23 -5.90 21.03
N TYR A 71 5.68 -6.75 20.17
CA TYR A 71 4.50 -6.40 19.38
C TYR A 71 3.20 -6.45 20.21
N ASP A 72 3.30 -7.00 21.41
CA ASP A 72 2.15 -7.17 22.27
C ASP A 72 1.89 -5.89 23.06
N TYR A 73 1.34 -4.92 22.37
CA TYR A 73 0.96 -3.65 22.97
C TYR A 73 -0.37 -3.28 22.36
N PRO A 74 -1.19 -2.53 23.11
CA PRO A 74 -2.50 -2.18 22.55
C PRO A 74 -2.42 -1.24 21.37
N LYS A 75 -3.28 -1.47 20.38
CA LYS A 75 -3.23 -0.75 19.13
C LYS A 75 -4.62 -0.21 18.90
N TYR A 76 -4.74 1.11 18.89
CA TYR A 76 -6.04 1.75 18.62
C TYR A 76 -6.06 2.47 17.28
N SER A 77 -7.23 2.52 16.64
CA SER A 77 -7.50 3.58 15.65
C SER A 77 -8.05 4.86 16.35
N CYS A 78 -8.11 5.95 15.59
CA CYS A 78 -8.87 7.14 16.00
C CYS A 78 -10.33 6.76 16.28
N HIS A 79 -10.93 7.42 17.28
CA HIS A 79 -12.38 7.39 17.40
C HIS A 79 -13.01 8.12 16.23
N PHE A 80 -14.21 7.70 15.85
CA PHE A 80 -14.98 8.43 14.85
C PHE A 80 -16.46 8.34 15.19
N LYS A 81 -17.15 9.46 15.08
CA LYS A 81 -18.57 9.48 15.39
C LYS A 81 -19.34 9.17 14.12
N LYS A 82 -20.36 8.32 14.25
CA LYS A 82 -21.35 8.09 13.20
C LYS A 82 -22.75 8.10 13.82
N GLY A 83 -23.55 9.08 13.41
CA GLY A 83 -24.86 9.28 14.00
C GLY A 83 -24.65 9.62 15.47
N LYS A 84 -25.30 8.84 16.32
CA LYS A 84 -25.35 9.09 17.74
C LYS A 84 -24.25 8.37 18.53
N ARG A 85 -23.37 7.65 17.83
CA ARG A 85 -22.43 6.77 18.51
C ARG A 85 -20.99 7.00 18.08
N TYR A 86 -20.05 6.62 18.94
CA TYR A 86 -18.63 6.62 18.57
C TYR A 86 -18.16 5.20 18.27
N PHE A 87 -17.24 5.10 17.34
CA PHE A 87 -16.61 3.81 16.95
C PHE A 87 -15.09 3.95 16.98
N TYR A 88 -14.41 2.83 17.19
CA TYR A 88 -12.97 2.80 17.03
C TYR A 88 -12.51 1.36 16.87
N PHE A 89 -11.37 1.18 16.21
CA PHE A 89 -10.73 -0.13 16.18
C PHE A 89 -9.73 -0.31 17.30
N TYR A 90 -9.58 -1.55 17.75
CA TYR A 90 -8.71 -1.83 18.87
C TYR A 90 -8.24 -3.27 18.80
N ASN A 91 -6.96 -3.48 19.09
CA ASN A 91 -6.36 -4.79 19.21
C ASN A 91 -5.67 -4.81 20.56
N THR A 92 -6.02 -5.75 21.43
CA THR A 92 -5.41 -5.82 22.75
C THR A 92 -3.88 -6.00 22.65
N GLY A 93 -3.42 -6.57 21.54
CA GLY A 93 -2.00 -6.63 21.24
C GLY A 93 -1.67 -7.65 20.19
N LEU A 94 -2.11 -8.91 20.43
CA LEU A 94 -1.75 -9.99 19.52
C LEU A 94 -2.97 -10.63 18.88
N GLN A 95 -4.12 -9.99 18.94
CA GLN A 95 -5.26 -10.56 18.18
C GLN A 95 -4.93 -10.61 16.69
N ASN A 96 -5.42 -11.63 15.99
CA ASN A 96 -5.09 -11.74 14.55
C ASN A 96 -5.63 -10.54 13.75
N GLN A 97 -6.82 -10.06 14.14
CA GLN A 97 -7.49 -8.94 13.49
C GLN A 97 -7.92 -7.94 14.55
N ARG A 98 -7.77 -6.66 14.25
CA ARG A 98 -8.36 -5.62 15.13
C ARG A 98 -9.88 -5.69 15.10
N VAL A 99 -10.49 -5.24 16.18
CA VAL A 99 -11.91 -5.39 16.41
C VAL A 99 -12.54 -4.00 16.44
N LEU A 100 -13.73 -3.87 15.86
CA LEU A 100 -14.46 -2.60 15.85
C LEU A 100 -15.34 -2.54 17.09
N TYR A 101 -15.17 -1.46 17.87
CA TYR A 101 -15.93 -1.22 19.10
C TYR A 101 -16.88 -0.05 18.88
N VAL A 102 -17.93 -0.02 19.71
CA VAL A 102 -18.93 1.06 19.69
C VAL A 102 -19.19 1.52 21.11
N GLN A 103 -19.42 2.82 21.25
CA GLN A 103 -19.85 3.39 22.54
C GLN A 103 -20.83 4.53 22.35
N ASP A 104 -21.67 4.78 23.34
CA ASP A 104 -22.72 5.76 23.18
C ASP A 104 -22.26 7.18 23.44
N SER A 105 -21.09 7.31 24.07
CA SER A 105 -20.44 8.58 24.33
C SER A 105 -18.97 8.29 24.56
N LEU A 106 -18.14 9.32 24.47
CA LEU A 106 -16.71 9.23 24.78
C LEU A 106 -16.39 8.70 26.19
N GLU A 107 -17.28 9.01 27.15
CA GLU A 107 -17.07 8.59 28.54
C GLU A 107 -17.74 7.24 28.86
N GLY A 108 -18.49 6.70 27.89
CA GLY A 108 -19.34 5.54 28.09
C GLY A 108 -18.65 4.20 27.89
N GLU A 109 -19.29 3.15 28.38
CA GLU A 109 -18.75 1.81 28.24
C GLU A 109 -18.73 1.39 26.77
N ALA A 110 -17.63 0.80 26.34
CA ALA A 110 -17.50 0.33 24.96
C ALA A 110 -17.92 -1.13 24.88
N ARG A 111 -18.50 -1.51 23.75
CA ARG A 111 -18.76 -2.91 23.48
C ARG A 111 -18.31 -3.33 22.09
N VAL A 112 -18.07 -4.62 21.94
CA VAL A 112 -17.69 -5.16 20.65
C VAL A 112 -18.84 -4.93 19.67
N PHE A 113 -18.50 -4.42 18.47
CA PHE A 113 -19.50 -4.20 17.43
C PHE A 113 -19.28 -5.20 16.29
N LEU A 114 -18.04 -5.32 15.82
CA LEU A 114 -17.71 -6.32 14.80
C LEU A 114 -16.32 -6.89 15.08
N ASP A 115 -16.28 -8.20 15.28
CA ASP A 115 -15.05 -8.89 15.64
C ASP A 115 -14.71 -9.89 14.53
N PRO A 116 -13.83 -9.50 13.59
CA PRO A 116 -13.51 -10.41 12.50
C PRO A 116 -12.80 -11.70 12.94
N ASN A 117 -12.23 -11.72 14.13
CA ASN A 117 -11.54 -12.93 14.57
C ASN A 117 -12.44 -14.15 14.66
N ILE A 118 -13.71 -13.93 14.98
CA ILE A 118 -14.64 -15.07 15.10
C ILE A 118 -15.09 -15.63 13.75
N LEU A 119 -14.60 -15.03 12.66
CA LEU A 119 -14.97 -15.46 11.31
C LEU A 119 -14.07 -16.53 10.70
N SER A 120 -12.97 -16.86 11.36
CA SER A 120 -12.07 -17.93 10.85
C SER A 120 -11.20 -18.44 12.01
N ASP A 121 -10.71 -19.66 11.91
CA ASP A 121 -9.82 -20.18 12.99
C ASP A 121 -8.46 -19.48 13.03
N ASP A 122 -8.03 -19.02 11.87
CA ASP A 122 -6.65 -18.61 11.75
C ASP A 122 -6.51 -17.14 11.43
N GLY A 123 -7.63 -16.39 11.55
CA GLY A 123 -7.59 -14.94 11.34
C GLY A 123 -7.42 -14.57 9.87
N THR A 124 -7.77 -15.49 8.97
CA THR A 124 -7.60 -15.21 7.53
C THR A 124 -8.85 -14.64 6.83
N VAL A 125 -9.85 -14.25 7.59
CA VAL A 125 -10.94 -13.45 7.06
C VAL A 125 -10.77 -12.07 7.68
N ALA A 126 -10.73 -11.05 6.84
CA ALA A 126 -10.41 -9.71 7.29
C ALA A 126 -11.39 -8.70 6.73
N LEU A 127 -11.64 -7.63 7.49
CA LEU A 127 -12.37 -6.51 7.00
C LEU A 127 -11.61 -5.82 5.83
N ARG A 128 -12.31 -5.51 4.74
CA ARG A 128 -11.69 -4.75 3.63
C ARG A 128 -12.76 -3.76 3.13
N GLY A 129 -12.73 -2.58 3.74
CA GLY A 129 -13.64 -1.50 3.39
C GLY A 129 -14.91 -1.53 4.20
N TYR A 130 -15.45 -0.36 4.46
CA TYR A 130 -16.74 -0.29 5.15
C TYR A 130 -17.36 1.10 4.95
N ALA A 131 -18.67 1.16 5.16
CA ALA A 131 -19.38 2.45 5.08
C ALA A 131 -20.62 2.40 5.94
N PHE A 132 -20.73 3.39 6.82
CA PHE A 132 -21.95 3.61 7.56
C PHE A 132 -22.92 4.42 6.71
N SER A 133 -24.21 4.16 6.90
CA SER A 133 -25.23 5.06 6.36
C SER A 133 -25.04 6.45 6.95
N GLU A 134 -25.60 7.47 6.28
CA GLU A 134 -25.39 8.84 6.68
C GLU A 134 -25.85 9.08 8.12
N ASP A 135 -26.96 8.42 8.53
CA ASP A 135 -27.49 8.61 9.89
C ASP A 135 -26.79 7.72 10.93
N GLY A 136 -25.87 6.87 10.47
CA GLY A 136 -25.10 6.04 11.39
C GLY A 136 -25.85 4.83 11.88
N GLU A 137 -27.08 4.59 11.39
CA GLU A 137 -27.86 3.46 11.89
C GLU A 137 -27.65 2.15 11.15
N TYR A 138 -27.01 2.18 9.99
CA TYR A 138 -26.75 0.95 9.22
C TYR A 138 -25.30 0.92 8.81
N PHE A 139 -24.77 -0.27 8.55
CA PHE A 139 -23.34 -0.45 8.37
C PHE A 139 -23.14 -1.52 7.31
N ALA A 140 -22.36 -1.17 6.28
CA ALA A 140 -21.94 -2.14 5.27
C ALA A 140 -20.44 -2.37 5.43
N TYR A 141 -20.00 -3.61 5.22
CA TYR A 141 -18.59 -3.92 5.38
C TYR A 141 -18.19 -5.02 4.42
N GLY A 142 -16.97 -4.87 3.92
CA GLY A 142 -16.40 -5.89 3.02
C GLY A 142 -15.59 -6.92 3.79
N LEU A 143 -15.68 -8.18 3.37
CA LEU A 143 -14.84 -9.21 3.97
C LEU A 143 -14.06 -9.85 2.85
N SER A 144 -12.76 -10.02 3.11
CA SER A 144 -11.90 -10.76 2.18
C SER A 144 -11.36 -12.02 2.83
N ALA A 145 -11.22 -13.08 2.05
CA ALA A 145 -10.74 -14.33 2.60
C ALA A 145 -9.37 -14.64 2.05
N SER A 146 -8.49 -15.07 2.96
CA SER A 146 -7.13 -15.54 2.61
C SER A 146 -6.34 -14.47 1.86
N GLY A 147 -6.66 -13.21 2.13
CA GLY A 147 -5.83 -12.07 1.67
C GLY A 147 -6.09 -11.61 0.25
N SER A 148 -7.10 -12.20 -0.40
CA SER A 148 -7.51 -11.79 -1.75
C SER A 148 -8.07 -10.38 -1.80
N ASP A 149 -7.90 -9.71 -2.94
CA ASP A 149 -8.62 -8.45 -3.21
C ASP A 149 -10.13 -8.63 -3.36
N TRP A 150 -10.58 -9.84 -3.72
CA TRP A 150 -12.05 -10.05 -3.77
C TRP A 150 -12.73 -9.80 -2.43
N VAL A 151 -13.92 -9.18 -2.50
CA VAL A 151 -14.70 -8.76 -1.33
C VAL A 151 -16.10 -9.32 -1.43
N THR A 152 -16.63 -9.75 -0.28
CA THR A 152 -18.08 -9.93 -0.15
C THR A 152 -18.57 -8.80 0.79
N ILE A 153 -19.58 -8.04 0.36
CA ILE A 153 -20.17 -6.98 1.23
C ILE A 153 -21.35 -7.52 2.02
N LYS A 154 -21.33 -7.30 3.33
CA LYS A 154 -22.44 -7.70 4.20
C LYS A 154 -22.92 -6.47 4.91
N PHE A 155 -24.05 -6.60 5.59
CA PHE A 155 -24.75 -5.46 6.18
C PHE A 155 -25.22 -5.75 7.59
N MET A 156 -25.23 -4.73 8.46
CA MET A 156 -25.79 -4.83 9.81
C MET A 156 -26.59 -3.61 10.14
N LYS A 157 -27.60 -3.80 11.00
CA LYS A 157 -28.27 -2.66 11.68
C LYS A 157 -27.45 -2.39 12.93
N VAL A 158 -27.06 -1.14 13.12
CA VAL A 158 -26.15 -0.75 14.21
C VAL A 158 -26.74 -1.00 15.60
N ASP A 159 -27.97 -0.53 15.84
CA ASP A 159 -28.65 -0.79 17.10
C ASP A 159 -28.88 -2.28 17.30
N GLY A 160 -28.16 -2.86 18.27
CA GLY A 160 -28.19 -4.29 18.57
C GLY A 160 -27.27 -5.15 17.71
N ALA A 161 -26.50 -4.50 16.84
CA ALA A 161 -25.52 -5.20 15.95
C ALA A 161 -26.17 -6.39 15.22
N LYS A 162 -27.31 -6.12 14.58
CA LYS A 162 -28.12 -7.16 13.96
C LYS A 162 -27.64 -7.45 12.54
N GLU A 163 -27.23 -8.69 12.28
CA GLU A 163 -26.94 -9.10 10.92
C GLU A 163 -28.20 -9.05 10.02
N LEU A 164 -28.02 -8.50 8.82
CA LEU A 164 -29.06 -8.41 7.83
C LEU A 164 -28.81 -9.43 6.73
N PRO A 165 -29.84 -9.76 5.91
CA PRO A 165 -29.68 -10.76 4.85
C PRO A 165 -28.84 -10.34 3.65
N ASP A 166 -28.72 -9.04 3.39
CA ASP A 166 -28.06 -8.50 2.18
C ASP A 166 -26.62 -8.96 2.04
N VAL A 167 -26.30 -9.51 0.89
CA VAL A 167 -24.95 -9.99 0.60
C VAL A 167 -24.62 -9.60 -0.83
N LEU A 168 -23.50 -8.91 -1.03
CA LEU A 168 -23.06 -8.52 -2.38
C LEU A 168 -21.75 -9.24 -2.75
N GLU A 169 -21.79 -9.96 -3.87
CA GLU A 169 -20.65 -10.71 -4.40
C GLU A 169 -20.06 -10.04 -5.65
N ARG A 170 -18.90 -10.55 -6.07
CA ARG A 170 -18.12 -10.05 -7.25
C ARG A 170 -17.58 -8.64 -7.08
N VAL A 171 -17.43 -8.24 -5.82
CA VAL A 171 -16.94 -6.89 -5.45
C VAL A 171 -15.40 -6.88 -5.41
N LYS A 172 -14.77 -5.93 -6.11
CA LYS A 172 -13.33 -5.76 -6.04
C LYS A 172 -13.04 -4.32 -6.41
N PHE A 173 -12.06 -3.73 -5.71
CA PHE A 173 -11.65 -2.33 -5.94
C PHE A 173 -12.86 -1.39 -5.94
N SER A 174 -13.66 -1.54 -4.89
CA SER A 174 -15.00 -0.96 -4.90
C SER A 174 -15.14 0.25 -4.01
N CYS A 175 -15.98 1.18 -4.46
CA CYS A 175 -16.51 2.23 -3.58
C CYS A 175 -17.60 1.64 -2.70
N MET A 176 -18.00 2.39 -1.66
CA MET A 176 -19.14 2.05 -0.80
C MET A 176 -19.70 3.38 -0.37
N ALA A 177 -20.87 3.74 -0.89
CA ALA A 177 -21.40 5.07 -0.64
C ALA A 177 -22.92 5.04 -0.54
N TRP A 178 -23.44 5.30 0.66
CA TRP A 178 -24.88 5.28 0.85
C TRP A 178 -25.52 6.57 0.38
N THR A 179 -26.70 6.47 -0.26
CA THR A 179 -27.47 7.70 -0.48
C THR A 179 -28.01 8.21 0.87
N HIS A 180 -28.11 9.52 1.01
CA HIS A 180 -28.52 10.07 2.30
C HIS A 180 -29.98 9.80 2.68
N ASP A 181 -30.78 9.33 1.73
CA ASP A 181 -32.14 8.89 2.08
C ASP A 181 -32.15 7.56 2.81
N GLY A 182 -30.98 6.95 2.96
CA GLY A 182 -30.86 5.68 3.63
C GLY A 182 -31.40 4.47 2.86
N LYS A 183 -31.75 4.68 1.57
CA LYS A 183 -32.44 3.64 0.83
C LYS A 183 -31.48 2.51 0.38
N GLY A 184 -30.23 2.86 0.13
CA GLY A 184 -29.34 1.88 -0.52
C GLY A 184 -27.95 2.44 -0.70
N MET A 185 -27.09 1.67 -1.34
CA MET A 185 -25.66 1.98 -1.40
C MET A 185 -25.07 1.66 -2.76
N PHE A 186 -24.23 2.59 -3.23
CA PHE A 186 -23.41 2.39 -4.41
C PHE A 186 -22.23 1.52 -4.09
N TYR A 187 -21.91 0.64 -5.05
CA TYR A 187 -20.72 -0.19 -4.95
C TYR A 187 -20.30 -0.63 -6.36
N ASN A 188 -19.15 -1.26 -6.47
CA ASN A 188 -18.66 -1.74 -7.76
C ASN A 188 -18.60 -3.25 -7.78
N ALA A 189 -18.83 -3.81 -8.99
CA ALA A 189 -18.68 -5.25 -9.20
C ALA A 189 -18.18 -5.55 -10.58
N TYR A 190 -17.60 -6.73 -10.72
CA TYR A 190 -17.13 -7.24 -12.02
C TYR A 190 -18.11 -8.26 -12.57
N PRO A 191 -18.18 -8.36 -13.90
CA PRO A 191 -19.05 -9.38 -14.51
C PRO A 191 -18.56 -10.77 -14.18
N GLN A 192 -19.46 -11.75 -14.25
CA GLN A 192 -19.06 -13.16 -14.08
C GLN A 192 -17.94 -13.56 -15.02
N GLN A 193 -17.04 -14.43 -14.56
CA GLN A 193 -15.95 -14.90 -15.39
C GLN A 193 -15.78 -16.39 -15.24
N ASP A 194 -15.21 -17.02 -16.26
CA ASP A 194 -14.86 -18.45 -16.23
C ASP A 194 -13.78 -18.68 -15.18
N GLY A 195 -13.80 -19.86 -14.57
CA GLY A 195 -12.78 -20.23 -13.58
C GLY A 195 -13.10 -19.64 -12.23
N LYS A 196 -12.08 -19.64 -11.37
CA LYS A 196 -12.20 -19.24 -9.99
C LYS A 196 -12.11 -17.74 -9.83
N SER A 197 -12.73 -17.24 -8.76
CA SER A 197 -12.61 -15.85 -8.37
C SER A 197 -12.39 -15.81 -6.85
N ASP A 198 -11.29 -16.43 -6.42
CA ASP A 198 -11.02 -16.58 -5.00
C ASP A 198 -9.67 -16.03 -4.62
N GLY A 199 -8.98 -15.47 -5.60
CA GLY A 199 -7.62 -14.96 -5.37
C GLY A 199 -6.48 -15.82 -5.84
N THR A 200 -6.78 -17.06 -6.25
CA THR A 200 -5.75 -17.95 -6.80
C THR A 200 -5.65 -17.87 -8.33
N GLU A 201 -6.65 -17.24 -8.96
CA GLU A 201 -6.66 -17.14 -10.41
C GLU A 201 -5.79 -15.98 -10.86
N THR A 202 -5.51 -15.96 -12.15
CA THR A 202 -4.70 -14.87 -12.72
C THR A 202 -5.50 -13.99 -13.68
N SER A 203 -6.77 -14.34 -13.88
CA SER A 203 -7.65 -13.69 -14.87
C SER A 203 -7.68 -12.18 -14.75
N THR A 204 -7.50 -11.51 -15.89
CA THR A 204 -7.55 -10.04 -15.91
C THR A 204 -8.92 -9.52 -15.51
N ASN A 205 -8.95 -8.38 -14.81
CA ASN A 205 -10.20 -7.76 -14.34
C ASN A 205 -10.56 -6.56 -15.21
N LEU A 206 -11.63 -6.72 -15.99
CA LEU A 206 -12.07 -5.69 -16.91
C LEU A 206 -13.57 -5.47 -16.75
N HIS A 207 -14.05 -4.34 -17.28
CA HIS A 207 -15.50 -4.05 -17.31
C HIS A 207 -16.13 -3.91 -15.91
N GLN A 208 -15.40 -3.28 -15.00
CA GLN A 208 -15.99 -2.97 -13.68
C GLN A 208 -17.18 -2.07 -13.85
N LYS A 209 -18.26 -2.33 -13.11
CA LYS A 209 -19.47 -1.53 -13.24
C LYS A 209 -19.82 -0.87 -11.91
N LEU A 210 -20.63 0.17 -11.97
CA LEU A 210 -21.18 0.82 -10.77
C LEU A 210 -22.62 0.42 -10.59
N TYR A 211 -22.91 -0.17 -9.44
CA TYR A 211 -24.28 -0.61 -9.10
C TYR A 211 -24.81 0.14 -7.87
N TYR A 212 -26.13 0.09 -7.73
CA TYR A 212 -26.82 0.61 -6.54
C TYR A 212 -27.66 -0.52 -5.95
N HIS A 213 -27.36 -0.85 -4.70
CA HIS A 213 -28.09 -1.90 -3.99
C HIS A 213 -29.12 -1.31 -3.06
N VAL A 214 -30.39 -1.66 -3.27
CA VAL A 214 -31.47 -1.20 -2.34
C VAL A 214 -31.46 -2.13 -1.13
N LEU A 215 -31.33 -1.57 0.08
CA LEU A 215 -31.30 -2.42 1.27
C LEU A 215 -32.61 -3.21 1.38
N GLY A 216 -32.50 -4.50 1.66
CA GLY A 216 -33.68 -5.38 1.84
C GLY A 216 -34.06 -6.10 0.58
N THR A 217 -33.21 -6.03 -0.45
CA THR A 217 -33.46 -6.69 -1.73
C THR A 217 -32.33 -7.68 -2.07
N ASP A 218 -32.56 -8.53 -3.06
CA ASP A 218 -31.50 -9.42 -3.56
C ASP A 218 -30.55 -8.64 -4.48
N GLN A 219 -29.30 -9.09 -4.53
CA GLN A 219 -28.32 -8.41 -5.40
C GLN A 219 -28.74 -8.38 -6.87
N SER A 220 -29.47 -9.41 -7.30
CA SER A 220 -29.91 -9.51 -8.68
C SER A 220 -30.82 -8.37 -9.10
N GLU A 221 -31.42 -7.68 -8.11
CA GLU A 221 -32.27 -6.52 -8.37
C GLU A 221 -31.49 -5.22 -8.46
N ASP A 222 -30.19 -5.25 -8.17
CA ASP A 222 -29.40 -3.99 -8.11
C ASP A 222 -29.44 -3.22 -9.44
N ILE A 223 -29.38 -1.91 -9.31
CA ILE A 223 -29.53 -1.02 -10.46
C ILE A 223 -28.16 -0.72 -11.06
N LEU A 224 -28.02 -0.87 -12.37
CA LEU A 224 -26.80 -0.48 -13.05
C LEU A 224 -26.83 1.04 -13.28
N CYS A 225 -25.85 1.76 -12.71
CA CYS A 225 -25.87 3.23 -12.74
C CYS A 225 -24.82 3.85 -13.63
N ALA A 226 -23.73 3.10 -13.88
CA ALA A 226 -22.69 3.56 -14.82
C ALA A 226 -21.93 2.35 -15.31
N GLU A 227 -21.62 2.38 -16.61
CA GLU A 227 -20.75 1.35 -17.21
C GLU A 227 -20.01 1.95 -18.39
N PHE A 228 -18.88 1.34 -18.75
CA PHE A 228 -17.99 1.90 -19.80
C PHE A 228 -17.60 0.78 -20.74
N PRO A 229 -18.59 0.26 -21.48
CA PRO A 229 -18.28 -0.95 -22.25
C PRO A 229 -17.26 -0.76 -23.40
N ASP A 230 -17.04 0.48 -23.82
CA ASP A 230 -16.03 0.77 -24.83
C ASP A 230 -14.65 1.04 -24.24
N GLU A 231 -14.57 1.05 -22.91
CA GLU A 231 -13.33 1.39 -22.18
C GLU A 231 -13.18 0.40 -21.03
N PRO A 232 -12.73 -0.83 -21.35
CA PRO A 232 -12.80 -1.91 -20.37
C PRO A 232 -11.94 -1.70 -19.14
N LYS A 233 -10.98 -0.77 -19.20
CA LYS A 233 -10.10 -0.57 -18.06
C LYS A 233 -10.60 0.52 -17.11
N TRP A 234 -11.62 1.26 -17.55
CA TRP A 234 -12.13 2.35 -16.69
C TRP A 234 -12.80 1.81 -15.45
N MET A 235 -12.63 2.54 -14.34
CA MET A 235 -13.22 2.16 -13.03
C MET A 235 -13.87 3.40 -12.43
N GLY A 236 -15.19 3.36 -12.24
CA GLY A 236 -15.93 4.56 -11.78
C GLY A 236 -16.34 4.37 -10.33
N GLY A 237 -15.76 5.14 -9.43
CA GLY A 237 -16.17 5.09 -8.02
C GLY A 237 -17.07 6.23 -7.65
N ALA A 238 -18.09 5.93 -6.84
CA ALA A 238 -19.08 6.95 -6.45
C ALA A 238 -18.89 7.40 -5.01
N GLU A 239 -19.20 8.67 -4.76
CA GLU A 239 -19.34 9.21 -3.41
C GLU A 239 -20.49 10.20 -3.43
N LEU A 240 -21.15 10.36 -2.28
CA LEU A 240 -22.13 11.42 -2.15
C LEU A 240 -21.50 12.71 -1.66
N SER A 241 -21.97 13.85 -2.19
CA SER A 241 -21.58 15.11 -1.59
C SER A 241 -22.09 15.21 -0.13
N ASP A 242 -21.45 16.08 0.66
CA ASP A 242 -21.75 16.14 2.11
C ASP A 242 -23.20 16.52 2.41
N ASP A 243 -23.85 17.20 1.46
CA ASP A 243 -25.27 17.56 1.62
C ASP A 243 -26.24 16.51 1.03
N GLY A 244 -25.67 15.43 0.51
CA GLY A 244 -26.46 14.35 -0.05
C GLY A 244 -27.08 14.59 -1.42
N ARG A 245 -26.85 15.77 -1.99
CA ARG A 245 -27.55 16.16 -3.23
C ARG A 245 -26.97 15.54 -4.49
N TYR A 246 -25.65 15.34 -4.49
CA TYR A 246 -24.93 14.93 -5.71
C TYR A 246 -24.22 13.63 -5.49
N VAL A 247 -24.30 12.75 -6.49
CA VAL A 247 -23.37 11.64 -6.62
C VAL A 247 -22.20 12.10 -7.48
N LEU A 248 -20.99 11.97 -6.93
CA LEU A 248 -19.76 12.34 -7.67
C LEU A 248 -19.11 11.04 -8.14
N LEU A 249 -18.86 10.96 -9.42
CA LEU A 249 -18.22 9.74 -10.01
C LEU A 249 -16.80 10.09 -10.41
N SER A 250 -15.83 9.39 -9.80
CA SER A 250 -14.42 9.58 -10.13
C SER A 250 -14.02 8.39 -10.97
N ILE A 251 -13.72 8.63 -12.25
CA ILE A 251 -13.33 7.56 -13.14
C ILE A 251 -11.84 7.48 -13.28
N ARG A 252 -11.27 6.30 -13.05
CA ARG A 252 -9.82 6.10 -13.14
C ARG A 252 -9.53 5.15 -14.29
N GLU A 253 -8.35 5.33 -14.89
CA GLU A 253 -7.80 4.34 -15.82
C GLU A 253 -6.30 4.30 -15.57
N GLY A 254 -5.89 3.27 -14.85
CA GLY A 254 -4.49 3.19 -14.43
C GLY A 254 -4.31 3.79 -13.05
N CYS A 255 -3.04 3.92 -12.64
CA CYS A 255 -2.68 4.26 -11.28
C CYS A 255 -2.19 5.70 -11.09
N ASP A 256 -2.24 6.51 -12.14
CA ASP A 256 -1.79 7.91 -12.04
C ASP A 256 -2.79 8.67 -11.17
N PRO A 257 -2.32 9.69 -10.46
CA PRO A 257 -3.26 10.53 -9.70
C PRO A 257 -3.99 11.49 -10.65
N VAL A 258 -4.94 10.93 -11.38
CA VAL A 258 -5.81 11.68 -12.29
C VAL A 258 -7.15 10.97 -12.33
N ASN A 259 -8.19 11.72 -12.65
CA ASN A 259 -9.53 11.11 -12.79
C ASN A 259 -10.43 12.00 -13.62
N ARG A 260 -11.37 11.37 -14.34
CA ARG A 260 -12.55 12.12 -14.80
C ARG A 260 -13.45 12.38 -13.60
N LEU A 261 -14.24 13.44 -13.67
CA LEU A 261 -15.20 13.73 -12.58
C LEU A 261 -16.52 14.08 -13.22
N TRP A 262 -17.48 13.17 -13.05
CA TRP A 262 -18.84 13.44 -13.49
C TRP A 262 -19.70 13.59 -12.25
N TYR A 263 -20.83 14.27 -12.39
CA TYR A 263 -21.77 14.34 -11.26
C TYR A 263 -23.23 14.10 -11.67
N CYS A 264 -24.02 13.65 -10.71
CA CYS A 264 -25.45 13.52 -10.90
C CYS A 264 -26.12 14.29 -9.78
N ASP A 265 -26.90 15.32 -10.13
CA ASP A 265 -27.75 15.98 -9.14
C ASP A 265 -28.96 15.08 -8.90
N LEU A 266 -29.02 14.43 -7.74
CA LEU A 266 -30.06 13.43 -7.53
C LEU A 266 -31.48 13.98 -7.55
N GLN A 267 -31.63 15.26 -7.24
CA GLN A 267 -32.93 15.93 -7.29
C GLN A 267 -33.43 16.02 -8.72
N GLN A 268 -32.51 15.88 -9.68
CA GLN A 268 -32.88 15.97 -11.09
C GLN A 268 -33.25 14.62 -11.67
N GLU A 269 -33.14 13.54 -10.89
CA GLU A 269 -33.57 12.25 -11.43
C GLU A 269 -35.09 12.26 -11.57
N SER A 270 -35.58 11.68 -12.67
CA SER A 270 -37.00 11.74 -12.97
C SER A 270 -37.87 10.99 -11.98
N ASN A 271 -37.33 9.91 -11.37
CA ASN A 271 -38.05 9.05 -10.41
C ASN A 271 -37.10 8.25 -9.44
N GLY A 272 -36.14 8.92 -8.81
CA GLY A 272 -35.12 8.27 -7.98
C GLY A 272 -34.13 7.50 -8.84
N ILE A 273 -33.40 6.57 -8.21
CA ILE A 273 -32.34 5.82 -8.92
C ILE A 273 -32.96 4.59 -9.58
N THR A 274 -33.14 4.67 -10.91
CA THR A 274 -33.87 3.60 -11.62
C THR A 274 -33.05 2.99 -12.77
N GLY A 275 -31.91 3.60 -13.08
CA GLY A 275 -31.09 3.11 -14.17
C GLY A 275 -29.84 3.95 -14.31
N ILE A 276 -29.30 4.03 -15.54
CA ILE A 276 -28.14 4.89 -15.79
C ILE A 276 -28.50 6.33 -15.40
N LEU A 277 -27.70 6.94 -14.54
CA LEU A 277 -28.02 8.27 -14.02
C LEU A 277 -27.74 9.36 -15.07
N LYS A 278 -28.33 10.53 -14.89
CA LYS A 278 -28.13 11.67 -15.80
C LYS A 278 -26.81 12.35 -15.49
N TRP A 279 -25.70 11.69 -15.81
CA TRP A 279 -24.38 12.22 -15.55
C TRP A 279 -24.09 13.50 -16.30
N VAL A 280 -23.50 14.45 -15.59
CA VAL A 280 -23.00 15.68 -16.18
C VAL A 280 -21.49 15.60 -16.17
N LYS A 281 -20.87 15.67 -17.34
CA LYS A 281 -19.46 15.31 -17.46
C LYS A 281 -18.57 16.54 -17.25
N LEU A 282 -18.51 16.99 -15.99
CA LEU A 282 -17.80 18.21 -15.58
C LEU A 282 -16.35 18.24 -16.03
N ILE A 283 -15.61 17.16 -15.73
CA ILE A 283 -14.24 17.02 -16.16
C ILE A 283 -14.21 15.71 -16.88
N ASP A 284 -14.07 15.77 -18.20
CA ASP A 284 -14.21 14.57 -18.99
C ASP A 284 -12.90 14.21 -19.70
N ASN A 285 -11.82 14.18 -18.91
CA ASN A 285 -10.52 13.72 -19.42
C ASN A 285 -9.71 13.23 -18.23
N PHE A 286 -8.51 12.70 -18.52
CA PHE A 286 -7.63 12.23 -17.46
C PHE A 286 -6.40 13.11 -17.26
N GLU A 287 -6.59 14.42 -17.42
CA GLU A 287 -5.48 15.36 -17.30
C GLU A 287 -5.10 15.75 -15.88
N GLY A 288 -6.02 15.55 -14.93
CA GLY A 288 -5.72 15.96 -13.55
C GLY A 288 -6.52 15.19 -12.52
N GLU A 289 -6.09 15.27 -11.26
CA GLU A 289 -6.87 14.70 -10.17
C GLU A 289 -7.84 15.72 -9.62
N TYR A 290 -9.06 15.27 -9.32
CA TYR A 290 -10.06 16.11 -8.62
C TYR A 290 -10.64 15.30 -7.50
N ASP A 291 -10.18 15.61 -6.28
CA ASP A 291 -10.55 14.85 -5.06
C ASP A 291 -11.49 15.75 -4.27
N TYR A 292 -12.76 15.33 -4.20
CA TYR A 292 -13.77 16.09 -3.46
C TYR A 292 -13.43 16.31 -2.01
N VAL A 293 -13.53 17.57 -1.58
CA VAL A 293 -13.37 17.95 -0.18
C VAL A 293 -14.70 18.29 0.47
N THR A 294 -15.40 19.23 -0.11
CA THR A 294 -16.73 19.59 0.37
C THR A 294 -17.43 20.45 -0.68
N ASN A 295 -18.69 20.79 -0.42
CA ASN A 295 -19.37 21.78 -1.25
C ASN A 295 -20.25 22.66 -0.39
N GLU A 296 -20.55 23.83 -0.92
CA GLU A 296 -21.56 24.76 -0.35
C GLU A 296 -22.43 25.10 -1.55
N GLY A 297 -23.60 24.47 -1.60
CA GLY A 297 -24.45 24.61 -2.78
C GLY A 297 -23.71 24.11 -4.01
N THR A 298 -23.72 24.94 -5.06
CA THR A 298 -23.01 24.52 -6.30
C THR A 298 -21.51 24.78 -6.32
N VAL A 299 -20.96 25.34 -5.24
CA VAL A 299 -19.49 25.60 -5.17
C VAL A 299 -18.78 24.43 -4.51
N PHE A 300 -18.02 23.71 -5.33
CA PHE A 300 -17.34 22.50 -4.95
C PHE A 300 -15.85 22.71 -4.75
N THR A 301 -15.36 22.32 -3.57
CA THR A 301 -13.94 22.42 -3.24
C THR A 301 -13.26 21.08 -3.53
N PHE A 302 -12.24 21.11 -4.38
CA PHE A 302 -11.48 19.91 -4.71
C PHE A 302 -10.01 20.10 -4.40
N LYS A 303 -9.38 19.03 -3.95
CA LYS A 303 -7.91 18.97 -4.03
C LYS A 303 -7.52 18.51 -5.45
N THR A 304 -6.54 19.20 -6.01
CA THR A 304 -6.12 18.93 -7.39
C THR A 304 -4.63 19.03 -7.56
N ASN A 305 -4.13 18.34 -8.62
CA ASN A 305 -2.77 18.56 -9.11
C ASN A 305 -2.76 19.14 -10.50
N ARG A 306 -3.92 19.61 -10.98
CA ARG A 306 -3.98 20.25 -12.31
C ARG A 306 -3.08 21.51 -12.35
N HIS A 307 -2.03 21.38 -13.17
CA HIS A 307 -0.96 22.39 -13.24
C HIS A 307 -0.37 22.77 -11.88
N SER A 308 -0.37 21.80 -10.97
CA SER A 308 0.06 22.06 -9.58
C SER A 308 0.59 20.71 -9.01
N PRO A 309 1.82 20.36 -9.36
CA PRO A 309 2.36 19.03 -8.97
C PRO A 309 2.53 18.83 -7.47
N ASN A 310 2.54 19.91 -6.70
CA ASN A 310 2.56 19.79 -5.20
C ASN A 310 1.16 19.87 -4.58
N TYR A 311 0.14 19.95 -5.44
CA TYR A 311 -1.29 19.92 -5.08
C TYR A 311 -1.76 21.25 -4.51
N ARG A 312 -3.05 21.52 -4.69
CA ARG A 312 -3.67 22.76 -4.22
C ARG A 312 -5.17 22.57 -4.05
N LEU A 313 -5.87 23.55 -3.45
CA LEU A 313 -7.33 23.48 -3.37
C LEU A 313 -7.94 24.49 -4.33
N ILE A 314 -8.88 24.02 -5.14
CA ILE A 314 -9.63 24.89 -6.04
C ILE A 314 -11.14 24.78 -5.75
N ASN A 315 -11.87 25.82 -6.12
CA ASN A 315 -13.33 25.82 -6.05
C ASN A 315 -13.87 25.88 -7.45
N ILE A 316 -14.66 24.86 -7.81
CA ILE A 316 -15.35 24.87 -9.10
C ILE A 316 -16.83 25.06 -8.83
N ASP A 317 -17.42 26.09 -9.42
CA ASP A 317 -18.87 26.29 -9.31
C ASP A 317 -19.54 25.55 -10.46
N PHE A 318 -20.40 24.58 -10.15
CA PHE A 318 -21.03 23.80 -11.22
C PHE A 318 -21.86 24.70 -12.15
N THR A 319 -22.30 25.86 -11.66
CA THR A 319 -23.08 26.80 -12.48
C THR A 319 -22.23 27.77 -13.30
N ASP A 320 -20.91 27.70 -13.13
CA ASP A 320 -19.98 28.50 -13.92
C ASP A 320 -18.65 27.70 -14.01
N PRO A 321 -18.69 26.58 -14.72
CA PRO A 321 -17.68 25.53 -14.58
C PRO A 321 -16.41 25.65 -15.44
N GLU A 322 -16.35 26.63 -16.34
CA GLU A 322 -15.16 26.78 -17.19
C GLU A 322 -13.93 27.01 -16.33
N GLU A 323 -12.79 26.42 -16.74
CA GLU A 323 -11.55 26.46 -15.93
C GLU A 323 -11.04 27.87 -15.60
N SER A 324 -11.19 28.81 -16.54
CA SER A 324 -10.82 30.22 -16.29
C SER A 324 -11.56 30.84 -15.09
N LYS A 325 -12.67 30.20 -14.71
CA LYS A 325 -13.50 30.75 -13.64
C LYS A 325 -13.24 30.12 -12.27
N TRP A 326 -12.45 29.04 -12.22
CA TRP A 326 -12.20 28.38 -10.93
C TRP A 326 -11.44 29.30 -9.97
N LYS A 327 -11.80 29.23 -8.69
CA LYS A 327 -11.13 30.02 -7.68
C LYS A 327 -10.05 29.18 -7.00
N VAL A 328 -8.85 29.73 -6.82
CA VAL A 328 -7.79 28.99 -6.13
C VAL A 328 -7.92 29.32 -4.65
N LEU A 329 -8.44 28.37 -3.89
CA LEU A 329 -8.76 28.61 -2.48
C LEU A 329 -7.51 28.53 -1.62
N VAL A 330 -6.69 27.49 -1.86
CA VAL A 330 -5.41 27.39 -1.18
C VAL A 330 -4.37 27.09 -2.24
N PRO A 331 -3.56 28.08 -2.62
CA PRO A 331 -2.56 27.88 -3.68
C PRO A 331 -1.54 26.82 -3.36
N GLU A 332 -0.95 26.28 -4.43
CA GLU A 332 0.14 25.33 -4.36
C GLU A 332 1.35 25.92 -3.63
N HIS A 333 1.98 25.13 -2.76
CA HIS A 333 3.26 25.49 -2.16
C HIS A 333 4.43 25.17 -3.09
N GLU A 334 5.53 25.92 -2.97
CA GLU A 334 6.70 25.74 -3.82
C GLU A 334 7.34 24.35 -3.68
N LYS A 335 7.29 23.79 -2.47
CA LYS A 335 7.97 22.52 -2.21
C LYS A 335 7.13 21.51 -1.45
N ASP A 336 6.34 21.98 -0.49
CA ASP A 336 5.56 21.06 0.35
C ASP A 336 4.32 20.54 -0.37
N VAL A 337 4.11 19.24 -0.23
CA VAL A 337 3.03 18.53 -0.91
C VAL A 337 1.83 18.58 0.01
N LEU A 338 0.70 19.02 -0.57
CA LEU A 338 -0.59 18.90 0.11
C LEU A 338 -1.07 17.47 -0.06
N GLU A 339 -1.00 16.69 1.03
CA GLU A 339 -1.19 15.22 0.96
C GLU A 339 -2.67 14.87 0.98
N TRP A 340 -3.44 15.49 1.89
CA TRP A 340 -4.87 15.23 1.93
C TRP A 340 -5.55 16.38 2.69
N VAL A 341 -6.86 16.50 2.52
CA VAL A 341 -7.60 17.60 3.09
C VAL A 341 -8.95 17.05 3.54
N ALA A 342 -9.50 17.57 4.64
CA ALA A 342 -10.79 17.12 5.11
C ALA A 342 -11.56 18.36 5.48
N CYS A 343 -12.88 18.31 5.41
CA CYS A 343 -13.70 19.42 5.93
C CYS A 343 -14.40 18.96 7.21
N VAL A 344 -14.37 19.80 8.22
CA VAL A 344 -14.93 19.45 9.53
C VAL A 344 -15.63 20.66 10.15
N ARG A 345 -16.64 20.39 10.96
CA ARG A 345 -17.38 21.46 11.67
C ARG A 345 -17.88 22.55 10.74
N SER A 346 -18.49 22.11 9.64
CA SER A 346 -19.06 22.97 8.60
C SER A 346 -18.07 23.77 7.78
N ASN A 347 -17.27 24.60 8.43
CA ASN A 347 -16.49 25.61 7.71
C ASN A 347 -15.00 25.63 8.05
N PHE A 348 -14.50 24.52 8.57
CA PHE A 348 -13.05 24.38 8.74
C PHE A 348 -12.53 23.36 7.72
N LEU A 349 -11.28 23.54 7.34
CA LEU A 349 -10.54 22.55 6.57
C LEU A 349 -9.31 22.14 7.36
N VAL A 350 -9.00 20.84 7.31
CA VAL A 350 -7.81 20.31 7.92
C VAL A 350 -6.92 19.90 6.76
N LEU A 351 -5.73 20.48 6.71
CA LEU A 351 -4.80 20.18 5.60
C LEU A 351 -3.61 19.50 6.18
N CYS A 352 -3.19 18.40 5.54
CA CYS A 352 -2.00 17.68 5.96
C CYS A 352 -0.92 17.84 4.90
N TYR A 353 0.20 18.47 5.25
CA TYR A 353 1.32 18.64 4.29
C TYR A 353 2.46 17.67 4.54
N LEU A 354 3.24 17.38 3.49
CA LEU A 354 4.50 16.67 3.64
C LEU A 354 5.62 17.68 3.38
N HIS A 355 6.45 17.92 4.40
CA HIS A 355 7.58 18.85 4.32
C HIS A 355 8.85 18.04 4.53
N ASP A 356 9.64 17.86 3.46
CA ASP A 356 10.82 16.98 3.53
C ASP A 356 10.50 15.64 4.22
N VAL A 357 9.40 15.05 3.81
CA VAL A 357 9.04 13.69 4.22
C VAL A 357 8.56 13.58 5.66
N LYS A 358 8.06 14.68 6.22
CA LYS A 358 7.49 14.67 7.57
C LYS A 358 6.19 15.45 7.47
N ASN A 359 5.17 15.04 8.24
CA ASN A 359 3.85 15.67 8.15
C ASN A 359 3.70 16.90 9.03
N THR A 360 2.91 17.85 8.54
CA THR A 360 2.43 18.95 9.39
C THR A 360 0.94 18.97 9.24
N LEU A 361 0.22 19.53 10.23
CA LEU A 361 -1.24 19.52 10.15
C LEU A 361 -1.76 20.90 10.49
N GLN A 362 -2.66 21.44 9.67
CA GLN A 362 -3.11 22.83 9.74
C GLN A 362 -4.62 22.90 9.67
N LEU A 363 -5.22 23.84 10.39
CA LEU A 363 -6.63 24.16 10.25
C LEU A 363 -6.76 25.46 9.47
N HIS A 364 -7.60 25.42 8.43
CA HIS A 364 -7.87 26.61 7.60
C HIS A 364 -9.35 26.96 7.56
N ASP A 365 -9.65 28.21 7.18
CA ASP A 365 -11.03 28.67 7.01
C ASP A 365 -11.55 28.22 5.66
N LEU A 366 -12.73 27.63 5.60
CA LEU A 366 -13.26 27.21 4.29
C LEU A 366 -13.53 28.36 3.35
N ALA A 367 -14.05 29.46 3.86
CA ALA A 367 -14.44 30.56 2.98
C ALA A 367 -13.27 31.26 2.28
N THR A 368 -12.15 31.44 2.96
CA THR A 368 -11.03 32.20 2.41
C THR A 368 -9.78 31.38 2.16
N GLY A 369 -9.72 30.18 2.76
CA GLY A 369 -8.53 29.36 2.70
C GLY A 369 -7.46 29.78 3.69
N ALA A 370 -7.73 30.83 4.49
CA ALA A 370 -6.66 31.34 5.37
C ALA A 370 -6.27 30.33 6.43
N LEU A 371 -4.99 30.32 6.79
CA LEU A 371 -4.49 29.50 7.89
C LEU A 371 -5.05 30.05 9.22
N LEU A 372 -5.59 29.16 10.05
CA LEU A 372 -6.10 29.51 11.39
C LEU A 372 -5.26 28.98 12.54
N LYS A 373 -4.71 27.79 12.38
CA LYS A 373 -4.07 27.07 13.48
C LYS A 373 -3.14 26.00 12.95
N ILE A 374 -1.99 25.89 13.61
CA ILE A 374 -1.06 24.78 13.35
C ILE A 374 -1.21 23.82 14.52
N PHE A 375 -1.51 22.56 14.20
CA PHE A 375 -1.52 21.51 15.21
C PHE A 375 -0.09 20.99 15.39
N PRO A 376 0.50 21.21 16.58
CA PRO A 376 1.92 20.87 16.69
C PRO A 376 2.14 19.36 16.73
N LEU A 377 3.17 18.90 16.03
CA LEU A 377 3.52 17.49 15.95
C LEU A 377 5.03 17.37 16.08
N GLU A 378 5.47 16.23 16.60
CA GLU A 378 6.88 15.82 16.53
C GLU A 378 7.21 15.39 15.09
N VAL A 379 8.46 15.00 14.82
CA VAL A 379 8.81 14.57 13.47
C VAL A 379 8.34 13.13 13.21
N GLY A 380 7.47 12.98 12.22
CA GLY A 380 6.91 11.67 11.88
C GLY A 380 5.74 11.84 10.92
N SER A 381 4.74 10.95 11.03
CA SER A 381 3.65 10.88 10.07
C SER A 381 2.31 10.94 10.76
N VAL A 382 1.33 11.48 10.05
CA VAL A 382 -0.06 11.37 10.49
C VAL A 382 -0.62 10.18 9.74
N VAL A 383 -1.03 9.15 10.47
CA VAL A 383 -1.48 7.90 9.83
C VAL A 383 -2.95 7.57 10.04
N GLY A 384 -3.68 8.48 10.68
CA GLY A 384 -5.10 8.27 10.90
C GLY A 384 -5.70 9.62 11.21
N TYR A 385 -6.98 9.78 10.86
CA TYR A 385 -7.72 11.02 11.05
C TYR A 385 -9.20 10.73 11.08
N SER A 386 -9.94 11.50 11.86
CA SER A 386 -11.38 11.53 11.70
C SER A 386 -11.89 12.91 11.94
N GLY A 387 -12.96 13.26 11.24
CA GLY A 387 -13.63 14.56 11.46
C GLY A 387 -14.30 14.99 10.17
N GLN A 388 -15.60 14.70 10.07
CA GLN A 388 -16.35 15.04 8.87
C GLN A 388 -17.16 16.32 9.05
N LYS A 389 -17.77 16.79 7.95
CA LYS A 389 -18.38 18.12 7.92
C LYS A 389 -19.38 18.36 9.04
N LYS A 390 -20.19 17.36 9.35
CA LYS A 390 -21.24 17.56 10.35
C LYS A 390 -20.76 17.37 11.79
N ASP A 391 -19.53 16.86 11.93
CA ASP A 391 -18.89 16.58 13.25
C ASP A 391 -18.23 17.84 13.78
N THR A 392 -18.04 17.89 15.09
CA THR A 392 -17.47 19.09 15.69
C THR A 392 -16.15 18.88 16.40
N GLU A 393 -15.46 17.81 16.04
CA GLU A 393 -14.19 17.50 16.67
C GLU A 393 -13.35 16.68 15.71
N ILE A 394 -12.04 16.67 15.97
CA ILE A 394 -11.12 15.84 15.19
C ILE A 394 -10.33 14.93 16.12
N PHE A 395 -9.96 13.77 15.57
CA PHE A 395 -8.93 12.93 16.17
C PHE A 395 -7.90 12.76 15.08
N TYR A 396 -6.63 12.65 15.45
CA TYR A 396 -5.61 12.27 14.48
C TYR A 396 -4.54 11.43 15.16
N GLN A 397 -3.92 10.51 14.41
CA GLN A 397 -2.94 9.61 14.99
C GLN A 397 -1.57 9.88 14.38
N PHE A 398 -0.62 10.08 15.27
CA PHE A 398 0.77 10.34 14.92
C PHE A 398 1.62 9.11 15.19
N THR A 399 2.59 8.82 14.30
CA THR A 399 3.57 7.75 14.53
C THR A 399 4.96 8.19 14.04
N SER A 400 6.00 7.52 14.49
CA SER A 400 7.37 7.85 14.07
C SER A 400 8.19 6.57 14.13
N PHE A 401 9.47 6.63 13.79
CA PHE A 401 10.29 5.42 13.81
C PHE A 401 10.44 4.87 15.22
N LEU A 402 10.32 5.74 16.22
CA LEU A 402 10.68 5.32 17.59
C LEU A 402 9.49 5.34 18.51
N SER A 403 8.37 5.86 18.02
CA SER A 403 7.19 5.96 18.84
C SER A 403 6.00 5.24 18.22
N PRO A 404 5.40 4.34 19.01
CA PRO A 404 4.27 3.53 18.57
C PRO A 404 3.08 4.38 18.14
N GLY A 405 2.93 5.53 18.76
CA GLY A 405 1.79 6.29 18.32
C GLY A 405 1.08 7.03 19.42
N ILE A 406 0.53 8.18 19.02
CA ILE A 406 -0.22 9.06 19.90
C ILE A 406 -1.47 9.42 19.12
N ILE A 407 -2.64 9.28 19.75
CA ILE A 407 -3.87 9.79 19.17
C ILE A 407 -4.19 11.07 19.91
N TYR A 408 -4.36 12.15 19.15
CA TYR A 408 -4.78 13.46 19.66
C TYR A 408 -6.26 13.69 19.41
N HIS A 409 -6.87 14.56 20.21
CA HIS A 409 -8.26 14.95 20.04
C HIS A 409 -8.32 16.45 20.14
N CYS A 410 -9.19 17.07 19.34
CA CYS A 410 -9.45 18.51 19.45
C CYS A 410 -10.94 18.82 19.29
N ASP A 411 -11.52 19.43 20.31
CA ASP A 411 -12.91 19.85 20.27
C ASP A 411 -12.97 21.19 19.53
N LEU A 412 -13.57 21.17 18.34
CA LEU A 412 -13.55 22.36 17.48
C LEU A 412 -14.66 23.35 17.75
N THR A 413 -15.47 23.08 18.78
CA THR A 413 -16.52 24.03 19.19
C THR A 413 -15.95 25.08 20.12
N LYS A 414 -14.73 24.87 20.59
CA LYS A 414 -14.16 25.82 21.54
C LYS A 414 -13.58 27.01 20.84
N GLU A 415 -13.75 28.19 21.45
CA GLU A 415 -13.22 29.40 20.83
C GLU A 415 -11.70 29.31 20.73
N GLU A 416 -11.05 28.85 21.78
CA GLU A 416 -9.61 28.67 21.75
C GLU A 416 -9.33 27.20 21.72
N LEU A 417 -8.66 26.75 20.64
CA LEU A 417 -8.42 25.34 20.42
C LEU A 417 -7.29 24.82 21.28
N GLU A 418 -7.55 23.69 21.94
CA GLU A 418 -6.55 23.00 22.74
C GLU A 418 -6.60 21.52 22.40
N PRO A 419 -5.77 21.10 21.43
CA PRO A 419 -5.57 19.69 21.06
C PRO A 419 -4.88 18.98 22.22
N ARG A 420 -5.28 17.74 22.48
CA ARG A 420 -4.85 17.06 23.69
C ARG A 420 -4.56 15.62 23.35
N VAL A 421 -3.62 15.02 24.07
CA VAL A 421 -3.39 13.56 23.94
C VAL A 421 -4.65 12.83 24.39
N PHE A 422 -5.12 11.93 23.54
CA PHE A 422 -6.30 11.15 23.84
C PHE A 422 -5.92 9.71 24.19
N ARG A 423 -4.94 9.18 23.47
CA ARG A 423 -4.44 7.81 23.70
C ARG A 423 -2.97 7.77 23.38
N GLU A 424 -2.21 7.10 24.23
CA GLU A 424 -0.80 6.90 23.98
C GLU A 424 -0.43 5.53 24.54
N VAL A 425 0.44 4.82 23.84
CA VAL A 425 0.95 3.54 24.34
C VAL A 425 2.45 3.56 24.22
N THR A 426 3.14 3.04 25.23
CA THR A 426 4.59 2.92 25.16
C THR A 426 4.95 1.44 25.12
N VAL A 427 5.93 1.12 24.29
CA VAL A 427 6.47 -0.23 24.19
C VAL A 427 7.69 -0.33 25.11
N LYS A 428 7.56 -1.14 26.15
CA LYS A 428 8.67 -1.40 27.06
C LYS A 428 9.55 -2.46 26.43
N GLY A 429 10.86 -2.28 26.53
CA GLY A 429 11.81 -3.13 25.84
C GLY A 429 12.52 -2.38 24.73
N ILE A 430 11.84 -1.37 24.19
CA ILE A 430 12.48 -0.50 23.22
C ILE A 430 12.48 0.93 23.74
N ASP A 431 13.54 1.24 24.49
CA ASP A 431 13.83 2.58 25.02
C ASP A 431 14.23 3.53 23.89
N ALA A 432 13.31 4.41 23.50
CA ALA A 432 13.54 5.29 22.35
C ALA A 432 14.71 6.24 22.56
N SER A 433 15.02 6.55 23.82
CA SER A 433 16.11 7.47 24.12
C SER A 433 17.49 6.86 23.79
N ASP A 434 17.54 5.55 23.57
CA ASP A 434 18.79 4.87 23.19
C ASP A 434 19.13 5.06 21.70
N TYR A 435 18.19 5.57 20.92
CA TYR A 435 18.38 5.61 19.46
C TYR A 435 18.25 7.00 18.91
N GLN A 436 18.66 7.18 17.66
CA GLN A 436 18.36 8.43 17.01
C GLN A 436 17.96 8.22 15.58
N THR A 437 17.20 9.18 15.06
CA THR A 437 16.81 9.23 13.67
C THR A 437 17.43 10.46 13.06
N VAL A 438 18.20 10.27 11.99
CA VAL A 438 18.73 11.40 11.21
C VAL A 438 18.15 11.39 9.80
N GLN A 439 18.01 12.59 9.24
CA GLN A 439 17.67 12.69 7.83
C GLN A 439 18.82 13.35 7.11
N ILE A 440 19.28 12.68 6.07
CA ILE A 440 20.34 13.23 5.23
C ILE A 440 19.85 13.31 3.78
N PHE A 441 20.60 14.02 2.92
CA PHE A 441 20.25 14.12 1.50
C PHE A 441 21.51 13.76 0.73
N TYR A 442 21.45 12.68 -0.03
CA TYR A 442 22.65 12.22 -0.74
C TYR A 442 22.47 12.45 -2.25
N PRO A 443 23.56 12.67 -2.98
CA PRO A 443 23.37 12.89 -4.42
C PRO A 443 23.30 11.55 -5.17
N SER A 444 22.33 11.46 -6.09
CA SER A 444 22.23 10.32 -7.00
C SER A 444 23.19 10.51 -8.16
N LYS A 445 23.23 9.52 -9.06
CA LYS A 445 24.10 9.57 -10.26
C LYS A 445 24.02 10.89 -11.01
N ASP A 446 22.78 11.40 -11.20
CA ASP A 446 22.55 12.58 -12.01
C ASP A 446 22.62 13.89 -11.20
N GLY A 447 23.04 13.76 -9.94
CA GLY A 447 23.21 14.90 -9.03
C GLY A 447 21.99 15.26 -8.20
N THR A 448 20.84 14.65 -8.47
CA THR A 448 19.64 14.96 -7.69
C THR A 448 19.85 14.55 -6.23
N LYS A 449 19.46 15.42 -5.30
CA LYS A 449 19.55 15.09 -3.86
C LYS A 449 18.34 14.27 -3.43
N ILE A 450 18.59 13.11 -2.82
CA ILE A 450 17.54 12.20 -2.42
C ILE A 450 17.53 12.16 -0.89
N PRO A 451 16.36 12.32 -0.26
CA PRO A 451 16.31 12.11 1.19
C PRO A 451 16.53 10.68 1.64
N MET A 452 17.15 10.50 2.81
CA MET A 452 17.21 9.20 3.46
C MET A 452 17.14 9.36 4.96
N PHE A 453 16.26 8.58 5.59
CA PHE A 453 16.23 8.47 7.05
C PHE A 453 17.14 7.35 7.50
N ILE A 454 17.89 7.57 8.57
CA ILE A 454 18.76 6.52 9.12
C ILE A 454 18.44 6.43 10.60
N VAL A 455 18.21 5.23 11.09
CA VAL A 455 17.87 5.03 12.53
C VAL A 455 18.91 4.08 13.10
N HIS A 456 19.55 4.50 14.19
CA HIS A 456 20.62 3.68 14.73
C HIS A 456 20.79 3.98 16.22
N LYS A 457 21.56 3.12 16.87
CA LYS A 457 21.88 3.32 18.28
C LYS A 457 22.76 4.57 18.43
N LYS A 458 22.51 5.38 19.46
CA LYS A 458 23.35 6.56 19.72
C LYS A 458 24.80 6.14 20.03
N GLY A 459 25.76 6.92 19.54
CA GLY A 459 27.17 6.72 19.83
C GLY A 459 27.93 5.68 19.00
N ILE A 460 27.28 5.10 17.98
CA ILE A 460 27.98 4.10 17.17
C ILE A 460 29.18 4.67 16.40
N LYS A 461 30.20 3.84 16.23
CA LYS A 461 31.34 4.20 15.42
C LYS A 461 31.01 3.92 13.96
N LEU A 462 31.30 4.88 13.10
CA LEU A 462 31.05 4.71 11.67
C LEU A 462 32.26 4.07 11.00
N ASP A 463 32.47 2.81 11.36
CA ASP A 463 33.65 2.05 10.94
C ASP A 463 33.29 0.92 9.97
N GLY A 464 32.09 0.98 9.41
CA GLY A 464 31.62 -0.02 8.44
C GLY A 464 31.24 -1.37 8.99
N SER A 465 31.24 -1.50 10.34
CA SER A 465 31.06 -2.82 10.99
C SER A 465 29.63 -3.28 11.26
N HIS A 466 28.62 -2.44 10.98
CA HIS A 466 27.25 -2.74 11.42
C HIS A 466 26.44 -3.31 10.29
N PRO A 467 25.63 -4.34 10.58
CA PRO A 467 24.66 -4.78 9.57
C PRO A 467 23.68 -3.66 9.32
N ALA A 468 23.21 -3.53 8.07
CA ALA A 468 22.24 -2.47 7.75
C ALA A 468 21.07 -3.10 7.01
N PHE A 469 19.91 -2.49 7.15
CA PHE A 469 18.69 -2.91 6.47
C PHE A 469 18.16 -1.67 5.77
N LEU A 470 18.31 -1.64 4.45
CA LEU A 470 17.96 -0.47 3.63
C LEU A 470 16.66 -0.77 2.83
N TYR A 471 15.64 0.03 3.08
CA TYR A 471 14.30 -0.16 2.53
C TYR A 471 13.98 0.92 1.51
N GLY A 472 13.28 0.52 0.45
CA GLY A 472 12.79 1.47 -0.59
C GLY A 472 11.56 0.92 -1.29
N TYR A 473 10.84 1.81 -1.98
CA TYR A 473 9.70 1.43 -2.81
C TYR A 473 9.92 2.08 -4.20
N GLY A 474 9.63 3.37 -4.33
CA GLY A 474 10.00 4.15 -5.52
C GLY A 474 8.98 4.02 -6.62
N GLY A 475 7.77 4.52 -6.42
CA GLY A 475 6.77 4.42 -7.47
C GLY A 475 5.39 4.85 -7.00
N PHE A 476 4.51 5.02 -7.97
CA PHE A 476 3.07 5.13 -7.74
C PHE A 476 2.66 6.28 -6.84
N ASN A 477 3.53 7.31 -6.77
CA ASN A 477 3.20 8.49 -5.96
C ASN A 477 3.04 8.16 -4.48
N ILE A 478 3.64 7.04 -4.07
CA ILE A 478 3.59 6.64 -2.67
C ILE A 478 4.79 7.25 -1.94
N SER A 479 4.50 7.98 -0.88
CA SER A 479 5.58 8.52 -0.01
C SER A 479 5.90 7.60 1.15
N ILE A 480 7.19 7.34 1.34
CA ILE A 480 7.66 6.44 2.39
C ILE A 480 8.03 7.24 3.61
N THR A 481 7.05 7.43 4.50
CA THR A 481 7.22 8.35 5.62
C THR A 481 7.47 7.58 6.93
N PRO A 482 7.89 8.28 7.99
CA PRO A 482 8.30 7.55 9.20
C PRO A 482 7.14 6.77 9.82
N ASN A 483 7.43 5.55 10.28
CA ASN A 483 6.43 4.67 10.87
C ASN A 483 7.12 3.78 11.89
N TYR A 484 6.33 3.34 12.86
CA TYR A 484 6.83 2.48 13.91
C TYR A 484 6.82 1.02 13.52
N SER A 485 8.01 0.44 13.46
CA SER A 485 8.13 -0.97 13.12
C SER A 485 8.93 -1.66 14.21
N VAL A 486 8.22 -2.42 15.03
CA VAL A 486 8.83 -3.27 16.05
C VAL A 486 9.80 -4.28 15.39
N SER A 487 9.40 -4.85 14.25
CA SER A 487 10.23 -5.85 13.56
C SER A 487 11.59 -5.26 13.18
N ARG A 488 11.62 -4.01 12.72
CA ARG A 488 12.89 -3.41 12.35
C ARG A 488 13.68 -2.92 13.56
N LEU A 489 13.01 -2.50 14.61
CA LEU A 489 13.68 -2.06 15.84
C LEU A 489 14.34 -3.26 16.54
N ILE A 490 13.76 -4.44 16.38
CA ILE A 490 14.41 -5.63 16.90
C ILE A 490 15.74 -5.87 16.16
N PHE A 491 15.75 -5.63 14.86
CA PHE A 491 17.01 -5.72 14.09
C PHE A 491 18.04 -4.75 14.66
N VAL A 492 17.59 -3.51 14.96
CA VAL A 492 18.49 -2.53 15.58
C VAL A 492 19.02 -3.00 16.94
N ARG A 493 18.10 -3.31 17.86
CA ARG A 493 18.45 -3.58 19.25
C ARG A 493 19.13 -4.92 19.45
N HIS A 494 18.59 -5.94 18.79
CA HIS A 494 18.98 -7.34 19.07
C HIS A 494 19.87 -7.93 18.00
N MET A 495 20.05 -7.21 16.88
CA MET A 495 21.00 -7.66 15.85
C MET A 495 22.07 -6.59 15.56
N GLY A 496 22.06 -5.52 16.34
CA GLY A 496 23.10 -4.48 16.22
C GLY A 496 23.05 -3.69 14.92
N GLY A 497 21.86 -3.64 14.35
CA GLY A 497 21.75 -3.06 13.02
C GLY A 497 21.46 -1.58 12.90
N VAL A 498 21.63 -1.11 11.67
CA VAL A 498 21.24 0.24 11.26
C VAL A 498 20.07 0.11 10.26
N LEU A 499 19.03 0.91 10.46
CA LEU A 499 17.87 0.92 9.57
C LEU A 499 18.00 2.14 8.66
N ALA A 500 17.70 2.01 7.36
CA ALA A 500 17.69 3.16 6.47
C ALA A 500 16.51 3.08 5.53
N VAL A 501 15.91 4.22 5.25
CA VAL A 501 14.78 4.29 4.32
C VAL A 501 15.12 5.37 3.32
N ALA A 502 15.27 5.00 2.02
CA ALA A 502 15.65 5.98 0.99
C ALA A 502 14.40 6.44 0.23
N ASN A 503 14.18 7.76 0.22
CA ASN A 503 12.99 8.36 -0.45
C ASN A 503 13.23 8.60 -1.94
N ILE A 504 13.49 7.50 -2.65
CA ILE A 504 13.89 7.55 -4.06
C ILE A 504 12.77 8.06 -4.98
N ARG A 505 13.18 8.45 -6.18
CA ARG A 505 12.21 8.93 -7.17
C ARG A 505 11.16 7.88 -7.57
N GLY A 506 10.04 8.37 -8.12
CA GLY A 506 8.85 7.51 -8.37
C GLY A 506 7.83 7.64 -7.25
N GLY A 507 8.32 7.89 -6.04
CA GLY A 507 7.41 8.18 -4.92
C GLY A 507 6.72 9.57 -5.00
N GLY A 508 5.91 9.88 -3.99
CA GLY A 508 5.24 11.17 -3.95
C GLY A 508 5.84 12.25 -3.08
N GLU A 509 7.06 12.01 -2.59
CA GLU A 509 7.64 12.84 -1.50
C GLU A 509 7.82 14.30 -1.90
N TYR A 510 8.17 14.51 -3.18
CA TYR A 510 8.22 15.86 -3.75
C TYR A 510 7.21 16.06 -4.87
N GLY A 511 6.02 15.54 -4.64
CA GLY A 511 4.87 15.74 -5.57
C GLY A 511 4.97 15.01 -6.89
N GLU A 512 4.19 15.47 -7.87
CA GLU A 512 4.08 14.75 -9.13
C GLU A 512 5.39 14.76 -9.92
N THR A 513 6.20 15.80 -9.77
CA THR A 513 7.50 15.81 -10.45
C THR A 513 8.43 14.71 -9.89
N TRP A 514 8.30 14.42 -8.59
CA TRP A 514 9.09 13.34 -7.99
C TRP A 514 8.62 12.00 -8.55
N HIS A 515 7.30 11.86 -8.68
CA HIS A 515 6.73 10.62 -9.19
C HIS A 515 7.18 10.44 -10.66
N LYS A 516 7.09 11.51 -11.48
CA LYS A 516 7.44 11.38 -12.89
C LYS A 516 8.96 11.10 -13.08
N GLY A 517 9.73 11.46 -12.06
CA GLY A 517 11.18 11.21 -12.09
C GLY A 517 11.51 9.73 -11.93
N GLY A 518 10.51 8.89 -11.63
CA GLY A 518 10.74 7.45 -11.38
C GLY A 518 9.82 6.53 -12.14
N ILE A 519 9.37 6.99 -13.31
CA ILE A 519 8.45 6.18 -14.10
C ILE A 519 8.88 6.14 -15.56
N LEU A 520 8.25 5.20 -16.28
CA LEU A 520 8.33 5.11 -17.74
C LEU A 520 9.80 5.13 -18.19
N ALA A 521 10.19 6.02 -19.10
CA ALA A 521 11.58 6.01 -19.58
C ALA A 521 12.58 6.27 -18.44
N ASN A 522 12.14 6.87 -17.35
CA ASN A 522 13.01 7.22 -16.22
C ASN A 522 12.94 6.25 -15.05
N LYS A 523 12.37 5.06 -15.27
CA LYS A 523 12.34 4.11 -14.17
C LYS A 523 13.75 3.78 -13.63
N GLN A 524 14.75 3.75 -14.50
CA GLN A 524 16.11 3.47 -14.06
C GLN A 524 16.59 4.47 -12.98
N ASN A 525 16.03 5.69 -12.93
CA ASN A 525 16.36 6.59 -11.82
C ASN A 525 16.10 5.95 -10.48
N CYS A 526 15.02 5.17 -10.35
CA CYS A 526 14.70 4.50 -9.05
C CYS A 526 15.84 3.63 -8.60
N PHE A 527 16.31 2.81 -9.55
CA PHE A 527 17.38 1.87 -9.23
C PHE A 527 18.66 2.61 -8.94
N ASP A 528 18.96 3.65 -9.73
CA ASP A 528 20.17 4.43 -9.51
C ASP A 528 20.12 5.07 -8.14
N ASP A 529 18.99 5.69 -7.82
CA ASP A 529 18.80 6.36 -6.52
C ASP A 529 19.06 5.36 -5.38
N PHE A 530 18.51 4.16 -5.52
CA PHE A 530 18.62 3.17 -4.44
C PHE A 530 20.06 2.61 -4.30
N GLN A 531 20.69 2.36 -5.45
CA GLN A 531 22.09 1.92 -5.44
C GLN A 531 22.95 3.02 -4.81
N CYS A 532 22.63 4.27 -5.13
CA CYS A 532 23.41 5.38 -4.52
C CYS A 532 23.20 5.52 -3.00
N ALA A 533 21.99 5.17 -2.51
CA ALA A 533 21.73 5.14 -1.05
C ALA A 533 22.63 4.11 -0.36
N ALA A 534 22.79 2.96 -1.00
CA ALA A 534 23.64 1.91 -0.47
C ALA A 534 25.10 2.37 -0.45
N GLU A 535 25.52 3.01 -1.53
CA GLU A 535 26.88 3.56 -1.66
C GLU A 535 27.15 4.61 -0.56
N TYR A 536 26.16 5.44 -0.26
CA TYR A 536 26.27 6.41 0.81
C TYR A 536 26.49 5.71 2.15
N LEU A 537 25.67 4.70 2.43
CA LEU A 537 25.75 4.03 3.74
C LEU A 537 27.11 3.41 3.94
N ILE A 538 27.66 2.86 2.86
CA ILE A 538 28.98 2.24 2.87
C ILE A 538 30.11 3.29 2.97
N LYS A 539 30.08 4.29 2.11
CA LYS A 539 31.09 5.36 2.13
C LYS A 539 31.15 6.09 3.46
N GLU A 540 29.98 6.35 4.04
CA GLU A 540 29.95 7.06 5.34
C GLU A 540 30.24 6.18 6.53
N GLY A 541 30.40 4.87 6.31
CA GLY A 541 30.82 3.95 7.39
C GLY A 541 29.70 3.38 8.23
N TYR A 542 28.44 3.49 7.79
CA TYR A 542 27.36 2.81 8.53
C TYR A 542 27.45 1.29 8.41
N THR A 543 27.95 0.83 7.28
CA THR A 543 27.90 -0.58 6.91
C THR A 543 28.95 -0.91 5.86
N SER A 544 28.95 -2.17 5.42
CA SER A 544 29.77 -2.65 4.32
C SER A 544 28.93 -3.57 3.42
N PRO A 545 29.29 -3.72 2.14
CA PRO A 545 28.43 -4.52 1.24
C PRO A 545 28.05 -5.89 1.81
N LYS A 546 29.01 -6.61 2.40
CA LYS A 546 28.70 -7.95 2.93
C LYS A 546 27.76 -7.95 4.13
N ARG A 547 27.53 -6.79 4.74
CA ARG A 547 26.67 -6.68 5.90
C ARG A 547 25.36 -5.96 5.56
N LEU A 548 25.17 -5.61 4.29
CA LEU A 548 24.00 -4.83 3.86
C LEU A 548 22.89 -5.72 3.29
N THR A 549 21.69 -5.57 3.86
CA THR A 549 20.47 -6.18 3.35
C THR A 549 19.60 -5.08 2.73
N ILE A 550 19.06 -5.36 1.55
CA ILE A 550 18.03 -4.48 1.01
C ILE A 550 16.70 -5.22 0.98
N ASN A 551 15.62 -4.45 1.16
CA ASN A 551 14.24 -4.97 1.24
C ASN A 551 13.27 -4.00 0.59
N GLY A 552 12.26 -4.57 -0.09
CA GLY A 552 11.15 -3.79 -0.64
C GLY A 552 10.02 -4.75 -0.95
N GLY A 553 8.79 -4.24 -1.08
CA GLY A 553 7.62 -5.08 -1.37
C GLY A 553 6.90 -4.56 -2.61
N SER A 554 6.41 -5.47 -3.46
CA SER A 554 5.54 -5.12 -4.59
C SER A 554 6.43 -4.38 -5.58
N ASN A 555 6.12 -3.12 -5.86
CA ASN A 555 7.03 -2.32 -6.68
C ASN A 555 8.42 -2.19 -6.04
N GLY A 556 8.47 -2.29 -4.71
CA GLY A 556 9.73 -2.30 -3.96
C GLY A 556 10.43 -3.64 -4.09
N GLY A 557 9.65 -4.69 -4.37
CA GLY A 557 10.24 -6.03 -4.68
C GLY A 557 10.92 -6.00 -6.03
N LEU A 558 10.29 -5.35 -7.01
CA LEU A 558 10.93 -5.06 -8.32
C LEU A 558 12.23 -4.28 -8.04
N LEU A 559 12.15 -3.25 -7.19
CA LEU A 559 13.32 -2.42 -6.89
C LEU A 559 14.53 -3.28 -6.46
N VAL A 560 14.34 -4.11 -5.44
CA VAL A 560 15.49 -4.82 -4.84
C VAL A 560 15.97 -5.95 -5.75
N ALA A 561 15.06 -6.54 -6.51
CA ALA A 561 15.44 -7.61 -7.47
C ALA A 561 16.28 -7.03 -8.58
N THR A 562 15.82 -5.92 -9.15
CA THR A 562 16.61 -5.25 -10.18
C THR A 562 18.00 -4.84 -9.63
N CYS A 563 18.01 -4.30 -8.42
CA CYS A 563 19.30 -3.90 -7.83
C CYS A 563 20.25 -5.10 -7.65
N ALA A 564 19.71 -6.26 -7.28
CA ALA A 564 20.50 -7.49 -7.17
C ALA A 564 21.14 -7.86 -8.51
N ASN A 565 20.38 -7.77 -9.60
CA ASN A 565 20.93 -8.02 -10.94
C ASN A 565 22.01 -6.99 -11.37
N GLN A 566 21.75 -5.72 -11.09
CA GLN A 566 22.60 -4.64 -11.61
C GLN A 566 23.89 -4.42 -10.78
N ARG A 567 23.80 -4.59 -9.46
CA ARG A 567 24.96 -4.36 -8.58
C ARG A 567 25.01 -5.46 -7.53
N PRO A 568 25.25 -6.72 -7.96
CA PRO A 568 25.30 -7.82 -6.99
C PRO A 568 26.42 -7.61 -5.98
N ASP A 569 27.44 -6.85 -6.39
CA ASP A 569 28.62 -6.59 -5.52
C ASP A 569 28.32 -5.66 -4.33
N LEU A 570 27.18 -4.97 -4.38
CA LEU A 570 26.83 -3.95 -3.40
C LEU A 570 26.09 -4.48 -2.16
N PHE A 571 25.53 -5.70 -2.25
CA PHE A 571 24.60 -6.21 -1.24
C PHE A 571 24.98 -7.58 -0.77
N GLY A 572 24.78 -7.84 0.51
CA GLY A 572 25.02 -9.19 1.05
C GLY A 572 23.73 -9.98 1.00
N CYS A 573 22.61 -9.30 1.16
CA CYS A 573 21.32 -9.99 1.30
C CYS A 573 20.18 -9.20 0.68
N VAL A 574 19.23 -9.90 0.08
CA VAL A 574 18.12 -9.22 -0.61
C VAL A 574 16.83 -9.95 -0.23
N ILE A 575 15.86 -9.22 0.34
CA ILE A 575 14.54 -9.79 0.60
C ILE A 575 13.51 -9.09 -0.26
N ALA A 576 12.93 -9.78 -1.24
CA ALA A 576 11.93 -9.16 -2.14
C ALA A 576 10.60 -9.74 -1.80
N GLN A 577 9.71 -8.90 -1.25
CA GLN A 577 8.37 -9.40 -0.91
C GLN A 577 7.42 -9.09 -2.07
N VAL A 578 6.64 -10.11 -2.44
CA VAL A 578 5.55 -9.98 -3.43
C VAL A 578 5.88 -9.07 -4.62
N GLY A 579 6.99 -9.40 -5.26
CA GLY A 579 7.63 -8.48 -6.24
C GLY A 579 7.08 -8.61 -7.64
N VAL A 580 7.07 -7.50 -8.38
CA VAL A 580 6.73 -7.56 -9.83
C VAL A 580 8.05 -7.86 -10.55
N MET A 581 8.13 -9.07 -11.10
CA MET A 581 9.42 -9.57 -11.64
C MET A 581 9.42 -9.74 -13.15
N ASP A 582 8.26 -10.08 -13.69
CA ASP A 582 8.14 -10.21 -15.14
C ASP A 582 7.56 -8.91 -15.70
N MET A 583 8.45 -8.00 -16.09
CA MET A 583 8.00 -6.73 -16.66
C MET A 583 7.43 -6.78 -18.04
N LEU A 584 7.66 -7.89 -18.75
CA LEU A 584 7.08 -8.02 -20.08
C LEU A 584 5.63 -8.50 -20.06
N LYS A 585 5.24 -9.20 -18.98
CA LYS A 585 3.91 -9.85 -18.92
C LYS A 585 2.99 -9.36 -17.79
N PHE A 586 3.45 -8.42 -16.97
CA PHE A 586 2.71 -8.05 -15.74
C PHE A 586 1.29 -7.58 -16.09
N HIS A 587 1.10 -6.98 -17.27
CA HIS A 587 -0.17 -6.35 -17.60
C HIS A 587 -1.25 -7.39 -17.93
N LYS A 588 -0.85 -8.65 -18.13
CA LYS A 588 -1.82 -9.70 -18.57
C LYS A 588 -2.74 -10.19 -17.44
N TYR A 589 -2.36 -9.95 -16.19
CA TYR A 589 -2.95 -10.68 -15.05
C TYR A 589 -3.69 -9.75 -14.11
N THR A 590 -4.81 -10.24 -13.57
CA THR A 590 -5.65 -9.50 -12.58
C THR A 590 -5.72 -8.02 -12.85
N ILE A 591 -5.18 -7.20 -11.95
CA ILE A 591 -5.26 -5.72 -12.10
C ILE A 591 -3.95 -5.10 -12.65
N GLY A 592 -3.04 -5.94 -13.11
CA GLY A 592 -1.74 -5.43 -13.59
C GLY A 592 -1.84 -4.45 -14.73
N HIS A 593 -2.94 -4.49 -15.50
CA HIS A 593 -3.12 -3.53 -16.61
C HIS A 593 -3.07 -2.09 -16.07
N ALA A 594 -3.41 -1.92 -14.78
CA ALA A 594 -3.48 -0.57 -14.22
C ALA A 594 -2.09 0.01 -13.96
N TRP A 595 -1.04 -0.83 -14.02
CA TRP A 595 0.31 -0.35 -13.61
C TRP A 595 1.12 0.26 -14.77
N THR A 596 0.53 0.20 -15.97
CA THR A 596 1.23 0.69 -17.18
C THR A 596 1.47 2.19 -17.11
N THR A 597 0.74 2.91 -16.25
CA THR A 597 1.00 4.33 -16.09
C THR A 597 2.35 4.62 -15.41
N ASP A 598 2.86 3.69 -14.61
CA ASP A 598 4.21 3.83 -14.02
C ASP A 598 5.25 3.11 -14.87
N TYR A 599 4.87 1.99 -15.45
CA TYR A 599 5.87 1.14 -16.12
C TYR A 599 5.97 1.21 -17.64
N GLY A 600 4.87 1.57 -18.30
CA GLY A 600 4.72 1.32 -19.74
C GLY A 600 4.18 -0.07 -19.98
N CYS A 601 4.13 -0.48 -21.23
CA CYS A 601 3.60 -1.83 -21.54
C CYS A 601 4.34 -2.42 -22.73
N SER A 602 4.70 -3.70 -22.65
CA SER A 602 5.64 -4.29 -23.66
C SER A 602 5.03 -4.38 -25.05
N ASP A 603 3.73 -4.07 -25.20
CA ASP A 603 3.09 -3.97 -26.53
C ASP A 603 3.61 -2.83 -27.38
N SER A 604 4.33 -1.87 -26.77
CA SER A 604 4.97 -0.72 -27.46
C SER A 604 6.45 -0.99 -27.62
N LYS A 605 7.02 -0.79 -28.83
CA LYS A 605 8.47 -1.01 -29.02
C LYS A 605 9.27 -0.09 -28.11
N GLN A 606 8.89 1.19 -28.05
CA GLN A 606 9.54 2.15 -27.20
C GLN A 606 9.55 1.64 -25.74
N HIS A 607 8.39 1.21 -25.26
CA HIS A 607 8.31 0.77 -23.84
C HIS A 607 9.04 -0.53 -23.63
N PHE A 608 8.94 -1.46 -24.58
CA PHE A 608 9.69 -2.67 -24.48
C PHE A 608 11.17 -2.37 -24.28
N GLU A 609 11.70 -1.40 -25.01
CA GLU A 609 13.12 -1.16 -24.93
C GLU A 609 13.55 -0.63 -23.58
N TRP A 610 12.63 0.04 -22.85
CA TRP A 610 12.90 0.41 -21.47
C TRP A 610 12.83 -0.80 -20.57
N LEU A 611 11.73 -1.54 -20.71
CA LEU A 611 11.40 -2.65 -19.79
C LEU A 611 12.45 -3.76 -19.83
N ILE A 612 12.93 -4.09 -21.03
CA ILE A 612 13.84 -5.23 -21.22
C ILE A 612 15.17 -5.01 -20.47
N LYS A 613 15.55 -3.73 -20.28
CA LYS A 613 16.81 -3.39 -19.65
C LYS A 613 16.83 -3.64 -18.16
N TYR A 614 15.66 -3.62 -17.52
CA TYR A 614 15.64 -3.76 -16.08
C TYR A 614 14.75 -4.87 -15.53
N SER A 615 13.92 -5.48 -16.38
CA SER A 615 13.01 -6.53 -15.92
C SER A 615 13.79 -7.62 -15.16
N PRO A 616 13.43 -7.86 -13.88
CA PRO A 616 14.28 -8.79 -13.10
C PRO A 616 14.39 -10.16 -13.76
N LEU A 617 13.28 -10.67 -14.30
CA LEU A 617 13.22 -12.01 -14.94
C LEU A 617 14.14 -12.10 -16.12
N HIS A 618 14.39 -10.98 -16.80
CA HIS A 618 15.14 -10.97 -18.06
C HIS A 618 16.56 -10.48 -17.94
N ASN A 619 17.04 -10.31 -16.71
CA ASN A 619 18.38 -9.75 -16.49
C ASN A 619 19.17 -10.51 -15.45
N VAL A 620 18.81 -11.79 -15.24
CA VAL A 620 19.61 -12.65 -14.39
C VAL A 620 20.86 -13.07 -15.19
N LYS A 621 22.03 -12.72 -14.65
CA LYS A 621 23.31 -12.96 -15.34
C LYS A 621 24.43 -13.22 -14.36
N LEU A 622 25.19 -14.31 -14.57
CA LEU A 622 26.34 -14.57 -13.71
C LEU A 622 27.27 -13.37 -13.75
N PRO A 623 27.71 -12.91 -12.57
CA PRO A 623 28.65 -11.78 -12.62
C PRO A 623 29.91 -12.18 -13.35
N GLU A 624 30.39 -11.32 -14.24
CA GLU A 624 31.64 -11.58 -14.98
C GLU A 624 32.88 -11.85 -14.10
N ALA A 625 33.02 -11.05 -13.03
CA ALA A 625 34.22 -11.10 -12.19
C ALA A 625 34.23 -12.32 -11.28
N ASP A 626 35.38 -13.01 -11.23
CA ASP A 626 35.52 -14.26 -10.49
C ASP A 626 35.17 -14.16 -9.00
N ASP A 627 35.40 -13.00 -8.41
CA ASP A 627 35.22 -12.83 -6.99
C ASP A 627 33.83 -12.28 -6.61
N ILE A 628 32.96 -12.12 -7.60
CA ILE A 628 31.60 -11.61 -7.34
C ILE A 628 30.55 -12.70 -7.63
N GLN A 629 29.65 -12.89 -6.67
CA GLN A 629 28.53 -13.79 -6.85
C GLN A 629 27.28 -12.98 -6.57
N TYR A 630 26.12 -13.60 -6.72
CA TYR A 630 24.88 -12.94 -6.29
C TYR A 630 24.77 -12.88 -4.78
N PRO A 631 24.10 -11.83 -4.24
CA PRO A 631 23.76 -11.79 -2.83
C PRO A 631 22.86 -12.97 -2.45
N SER A 632 22.82 -13.33 -1.17
CA SER A 632 21.75 -14.21 -0.67
C SER A 632 20.43 -13.55 -0.98
N MET A 633 19.49 -14.33 -1.53
CA MET A 633 18.17 -13.79 -1.87
C MET A 633 17.02 -14.62 -1.36
N LEU A 634 16.03 -13.96 -0.77
CA LEU A 634 14.78 -14.61 -0.35
C LEU A 634 13.61 -13.88 -1.01
N LEU A 635 12.83 -14.64 -1.79
CA LEU A 635 11.55 -14.10 -2.30
C LEU A 635 10.41 -14.62 -1.43
N LEU A 636 9.54 -13.72 -0.98
CA LEU A 636 8.35 -14.09 -0.22
C LEU A 636 7.09 -13.77 -1.04
N THR A 637 6.20 -14.74 -1.22
CA THR A 637 4.92 -14.50 -1.87
C THR A 637 3.89 -15.45 -1.21
N ALA A 638 2.68 -15.48 -1.75
CA ALA A 638 1.61 -16.24 -1.11
C ALA A 638 0.60 -16.61 -2.20
N ASP A 639 -0.10 -17.72 -1.98
CA ASP A 639 -0.85 -18.32 -3.08
C ASP A 639 -2.17 -17.64 -3.41
N HIS A 640 -2.62 -16.68 -2.58
CA HIS A 640 -3.76 -15.85 -2.92
C HIS A 640 -3.33 -14.41 -3.15
N ASP A 641 -2.05 -14.15 -3.48
CA ASP A 641 -1.69 -12.78 -3.86
C ASP A 641 -2.21 -12.52 -5.28
N ASP A 642 -3.43 -12.03 -5.34
CA ASP A 642 -4.06 -11.66 -6.60
C ASP A 642 -3.79 -10.21 -7.01
N ARG A 643 -3.07 -9.47 -6.18
CA ARG A 643 -2.57 -8.16 -6.61
C ARG A 643 -1.38 -8.33 -7.54
N VAL A 644 -0.33 -8.98 -7.01
CA VAL A 644 0.87 -9.32 -7.80
C VAL A 644 0.90 -10.84 -7.88
N VAL A 645 0.40 -11.39 -8.99
CA VAL A 645 0.24 -12.85 -9.07
C VAL A 645 1.56 -13.59 -8.83
N PRO A 646 1.54 -14.68 -8.05
CA PRO A 646 2.80 -15.21 -7.53
C PRO A 646 3.67 -15.86 -8.61
N LEU A 647 3.11 -16.09 -9.79
CA LEU A 647 3.93 -16.51 -10.94
C LEU A 647 5.18 -15.58 -11.15
N HIS A 648 5.09 -14.30 -10.76
CA HIS A 648 6.24 -13.41 -10.86
C HIS A 648 7.43 -13.95 -10.08
N SER A 649 7.20 -14.30 -8.83
CA SER A 649 8.27 -14.85 -7.97
C SER A 649 8.65 -16.27 -8.36
N LEU A 650 7.66 -17.08 -8.77
CA LEU A 650 7.99 -18.46 -9.18
C LEU A 650 8.91 -18.47 -10.37
N LYS A 651 8.62 -17.67 -11.40
CA LYS A 651 9.46 -17.74 -12.60
C LYS A 651 10.84 -17.16 -12.29
N PHE A 652 10.86 -16.09 -11.48
CA PHE A 652 12.14 -15.45 -11.11
C PHE A 652 13.03 -16.40 -10.32
N ILE A 653 12.48 -17.10 -9.31
CA ILE A 653 13.33 -18.03 -8.54
C ILE A 653 13.84 -19.18 -9.39
N ALA A 654 13.00 -19.68 -10.28
CA ALA A 654 13.49 -20.78 -11.14
C ALA A 654 14.69 -20.30 -11.98
N THR A 655 14.62 -19.06 -12.44
CA THR A 655 15.66 -18.47 -13.27
C THR A 655 16.92 -18.21 -12.46
N LEU A 656 16.79 -17.62 -11.29
CA LEU A 656 17.96 -17.42 -10.41
C LEU A 656 18.64 -18.75 -10.11
N GLN A 657 17.86 -19.78 -9.77
CA GLN A 657 18.48 -21.04 -9.39
C GLN A 657 19.18 -21.71 -10.58
N TYR A 658 18.61 -21.57 -11.77
CA TYR A 658 19.20 -22.24 -12.93
C TYR A 658 20.44 -21.49 -13.44
N ILE A 659 20.31 -20.18 -13.60
CA ILE A 659 21.40 -19.42 -14.21
C ILE A 659 22.56 -19.19 -13.21
N VAL A 660 22.21 -18.83 -11.97
CA VAL A 660 23.20 -18.44 -10.97
C VAL A 660 23.44 -19.57 -9.95
N GLY A 661 22.34 -20.15 -9.45
CA GLY A 661 22.41 -21.20 -8.42
C GLY A 661 23.27 -22.40 -8.85
N ARG A 662 23.27 -22.73 -10.16
CA ARG A 662 24.08 -23.87 -10.68
C ARG A 662 25.58 -23.58 -10.79
N SER A 663 25.96 -22.30 -10.68
CA SER A 663 27.38 -21.95 -10.85
C SER A 663 28.20 -22.33 -9.62
N ARG A 664 29.41 -22.82 -9.86
CA ARG A 664 30.24 -23.26 -8.75
C ARG A 664 30.59 -22.15 -7.78
N LYS A 665 30.73 -20.92 -8.28
CA LYS A 665 31.11 -19.79 -7.44
C LYS A 665 29.97 -19.26 -6.57
N GLN A 666 28.74 -19.69 -6.87
CA GLN A 666 27.57 -19.21 -6.10
C GLN A 666 27.39 -20.06 -4.84
N ASN A 667 27.64 -19.46 -3.67
CA ASN A 667 27.40 -20.17 -2.41
C ASN A 667 26.36 -19.52 -1.51
N ASN A 668 25.92 -18.33 -1.91
CA ASN A 668 24.83 -17.66 -1.22
C ASN A 668 23.51 -18.29 -1.71
N PRO A 669 22.59 -18.60 -0.79
CA PRO A 669 21.31 -19.24 -1.18
C PRO A 669 20.37 -18.31 -1.94
N LEU A 670 19.55 -18.91 -2.81
CA LEU A 670 18.54 -18.19 -3.60
C LEU A 670 17.23 -18.94 -3.38
N LEU A 671 16.38 -18.42 -2.49
CA LEU A 671 15.22 -19.20 -1.99
C LEU A 671 13.91 -18.49 -2.15
N ILE A 672 12.83 -19.26 -2.23
CA ILE A 672 11.50 -18.66 -2.19
C ILE A 672 10.68 -19.33 -1.07
N HIS A 673 9.84 -18.54 -0.42
CA HIS A 673 8.80 -19.14 0.42
C HIS A 673 7.43 -18.67 -0.05
N VAL A 674 6.54 -19.62 -0.32
CA VAL A 674 5.17 -19.34 -0.74
C VAL A 674 4.23 -19.69 0.41
N ASP A 675 3.62 -18.67 1.01
CA ASP A 675 2.67 -18.93 2.09
C ASP A 675 1.30 -19.40 1.54
N THR A 676 0.50 -19.99 2.43
CA THR A 676 -0.85 -20.40 2.11
C THR A 676 -1.84 -19.50 2.89
N LYS A 677 -3.07 -19.41 2.38
CA LYS A 677 -4.18 -18.61 3.01
C LYS A 677 -3.76 -17.17 3.27
N ALA A 678 -2.95 -16.66 2.36
CA ALA A 678 -2.50 -15.26 2.41
C ALA A 678 -2.35 -14.71 1.02
N GLY A 679 -2.29 -13.38 0.97
CA GLY A 679 -2.26 -12.63 -0.29
C GLY A 679 -1.20 -11.56 -0.27
N HIS A 680 -1.53 -10.44 -0.89
CA HIS A 680 -0.53 -9.42 -1.10
C HIS A 680 -0.01 -8.81 0.20
N GLY A 681 -0.88 -8.77 1.21
CA GLY A 681 -0.47 -8.36 2.57
C GLY A 681 -1.54 -7.70 3.39
N ALA A 682 -2.40 -6.93 2.74
CA ALA A 682 -3.46 -6.27 3.48
C ALA A 682 -4.33 -7.30 4.19
N GLY A 683 -4.64 -7.04 5.46
CA GLY A 683 -5.46 -7.96 6.19
C GLY A 683 -4.74 -9.24 6.68
N LYS A 684 -3.43 -9.35 6.45
CA LYS A 684 -2.70 -10.54 6.95
C LYS A 684 -2.84 -10.60 8.50
N PRO A 685 -3.25 -11.77 9.04
CA PRO A 685 -3.41 -11.84 10.51
C PRO A 685 -2.05 -11.72 11.23
N THR A 686 -2.11 -11.20 12.45
CA THR A 686 -0.94 -11.02 13.28
C THR A 686 -0.04 -12.26 13.30
N ALA A 687 -0.63 -13.45 13.44
CA ALA A 687 0.20 -14.65 13.57
C ALA A 687 1.09 -14.84 12.36
N LYS A 688 0.51 -14.62 11.19
CA LYS A 688 1.26 -14.72 9.94
C LYS A 688 2.29 -13.62 9.77
N VAL A 689 1.95 -12.42 10.20
CA VAL A 689 2.90 -11.31 10.18
C VAL A 689 4.14 -11.65 11.00
N ILE A 690 3.91 -12.21 12.19
CA ILE A 690 5.04 -12.52 13.07
C ILE A 690 5.91 -13.61 12.45
N GLU A 691 5.28 -14.60 11.82
CA GLU A 691 6.06 -15.64 11.16
C GLU A 691 6.93 -15.07 10.02
N GLU A 692 6.33 -14.16 9.27
CA GLU A 692 7.00 -13.56 8.12
C GLU A 692 8.26 -12.78 8.50
N VAL A 693 8.15 -11.91 9.51
CA VAL A 693 9.29 -11.12 9.94
C VAL A 693 10.34 -12.01 10.60
N SER A 694 9.86 -13.09 11.27
CA SER A 694 10.81 -14.05 11.84
C SER A 694 11.57 -14.75 10.72
N ASP A 695 10.89 -15.11 9.63
CA ASP A 695 11.59 -15.70 8.47
C ASP A 695 12.62 -14.72 7.88
N MET A 696 12.22 -13.46 7.75
CA MET A 696 13.09 -12.44 7.11
C MET A 696 14.37 -12.26 7.90
N PHE A 697 14.22 -12.05 9.19
CA PHE A 697 15.38 -11.76 10.02
C PHE A 697 16.23 -12.98 10.33
N ALA A 698 15.63 -14.18 10.34
CA ALA A 698 16.42 -15.42 10.41
C ALA A 698 17.27 -15.62 9.16
N PHE A 699 16.70 -15.33 7.98
CA PHE A 699 17.45 -15.40 6.73
C PHE A 699 18.66 -14.46 6.81
N ILE A 700 18.42 -13.20 7.20
CA ILE A 700 19.51 -12.21 7.31
C ILE A 700 20.56 -12.71 8.29
N ALA A 701 20.09 -13.16 9.46
CA ALA A 701 21.03 -13.60 10.50
C ALA A 701 21.89 -14.78 10.06
N ARG A 702 21.29 -15.76 9.39
CA ARG A 702 22.07 -16.91 8.95
C ARG A 702 23.03 -16.56 7.79
N CYS A 703 22.54 -15.80 6.80
CA CYS A 703 23.34 -15.52 5.65
C CYS A 703 24.52 -14.64 6.01
N LEU A 704 24.28 -13.67 6.90
CA LEU A 704 25.35 -12.76 7.32
C LEU A 704 26.11 -13.18 8.56
N ASN A 705 25.68 -14.29 9.18
CA ASN A 705 26.24 -14.82 10.44
C ASN A 705 26.27 -13.73 11.52
N ILE A 706 25.10 -13.16 11.79
CA ILE A 706 24.96 -12.15 12.84
C ILE A 706 24.55 -12.80 14.17
N ASP A 707 25.28 -12.45 15.24
CA ASP A 707 24.96 -12.95 16.56
C ASP A 707 23.78 -12.16 17.13
N TRP A 708 22.87 -12.86 17.81
CA TRP A 708 21.81 -12.22 18.60
C TRP A 708 22.45 -11.46 19.77
N ILE A 709 21.89 -10.30 20.11
CA ILE A 709 22.35 -9.52 21.24
C ILE A 709 21.12 -9.49 22.16
N PRO A 710 21.13 -10.27 23.25
CA PRO A 710 19.93 -10.33 24.08
C PRO A 710 19.62 -9.00 24.78
C14 JKT B . -4.61 -0.63 -7.16
C15 JKT B . -5.58 -1.52 -7.93
C16 JKT B . -6.99 -0.92 -7.91
C17 JKT B . -7.02 0.41 -8.66
C18 JKT B . -7.50 1.55 -8.02
C22 JKT B . -6.60 0.48 -9.98
C19 JKT B . -7.52 2.78 -8.69
C21 JKT B . -6.62 1.69 -10.66
C20 JKT B . -7.06 2.86 -10.01
C12 JKT B . -3.18 -0.97 -7.48
O13 JKT B . -2.88 -1.89 -8.23
N11 JKT B . -2.21 -0.29 -6.80
C23 JKT B . -2.52 1.07 -6.31
C10 JKT B . -0.84 -0.37 -7.33
C8 JKT B . -0.24 -1.60 -6.69
O9 JKT B . -0.77 -2.20 -5.75
C25 JKT B . -0.21 0.96 -6.93
C24 JKT B . -1.14 1.53 -5.89
N26 JKT B . -0.73 0.90 -4.61
N27 JKT B . -1.69 0.44 -3.71
N28 JKT B . -0.95 -0.07 -2.62
C30 JKT B . 0.49 0.72 -4.14
C29 JKT B . 0.37 0.10 -2.90
C31 JKT B . 1.56 -0.31 -2.07
N32 JKT B . 1.52 0.17 -0.69
O34 JKT B . 3.11 -1.23 -0.13
C33 JKT B . 2.61 -0.12 0.01
O35 JKT B . 3.21 0.89 0.88
C36 JKT B . 3.65 0.64 2.23
C39 JKT B . 4.13 -0.79 2.41
C37 JKT B . 2.50 0.93 3.20
C38 JKT B . 4.81 1.58 2.53
N7 JKT B . 0.89 -2.09 -7.25
C3 JKT B . 1.53 -3.30 -6.72
C1 JKT B . 2.50 -3.15 -5.54
N2 JKT B . 3.20 -2.08 -5.53
C4 JKT B . 2.37 -3.69 -7.94
C5 JKT B . 2.77 -2.40 -8.62
C6 JKT B . 1.57 -1.48 -8.40
C TAM C . 18.78 10.77 -16.01
C1 TAM C . 19.65 11.97 -16.29
C2 TAM C . 17.72 10.64 -17.10
C3 TAM C . 19.70 9.56 -15.87
C4 TAM C . 18.78 13.20 -16.25
C5 TAM C . 16.64 9.66 -16.68
C6 TAM C . 20.67 9.76 -14.70
N TAM C . 18.05 11.00 -14.74
O4 TAM C . 18.58 13.74 -14.95
O5 TAM C . 17.16 8.36 -16.82
O6 TAM C . 21.98 9.29 -14.99
C1 GOL D . -6.94 30.79 -13.36
O1 GOL D . -7.47 31.74 -12.45
C2 GOL D . -6.83 29.43 -12.71
O2 GOL D . -7.55 29.39 -11.50
C3 GOL D . -7.41 28.39 -13.69
O3 GOL D . -8.10 27.38 -12.97
C1 GOL E . -22.14 7.68 -19.89
O1 GOL E . -21.44 7.89 -21.11
C2 GOL E . -22.17 6.19 -19.58
O2 GOL E . -20.82 5.79 -19.35
C3 GOL E . -22.89 5.93 -18.25
O3 GOL E . -22.99 4.54 -18.03
C1 GOL F . 4.09 -4.69 -0.53
O1 GOL F . 4.42 -3.32 -0.58
C2 GOL F . 3.94 -5.13 0.93
O2 GOL F . 4.98 -6.03 1.30
C3 GOL F . 2.58 -5.79 1.13
O3 GOL F . 1.51 -4.92 0.82
C1 GOL G . 29.30 -10.15 -4.33
O1 GOL G . 30.04 -11.35 -4.23
C2 GOL G . 28.58 -9.96 -3.02
O2 GOL G . 28.23 -8.60 -2.81
C3 GOL G . 27.33 -10.83 -3.02
O3 GOL G . 26.75 -10.79 -1.72
C1 GOL H . -13.05 12.16 -2.10
O1 GOL H . -11.94 11.31 -2.40
C2 GOL H . -12.93 12.54 -0.66
O2 GOL H . -11.97 13.56 -0.55
C3 GOL H . -14.29 12.83 -0.07
O3 GOL H . -14.30 12.83 1.33
C1 GOL I . -10.29 12.07 5.49
O1 GOL I . -11.61 11.70 5.79
C2 GOL I . -10.22 12.10 3.98
O2 GOL I . -10.26 13.45 3.58
C3 GOL I . -8.91 11.46 3.51
O3 GOL I . -8.58 12.00 2.26
C1 GOL J . 7.37 -29.01 -10.96
O1 GOL J . 6.58 -30.15 -11.10
C2 GOL J . 8.78 -29.39 -10.53
O2 GOL J . 9.50 -28.24 -10.85
C3 GOL J . 8.89 -29.67 -9.03
O3 GOL J . 9.79 -30.74 -8.77
C1 GOL K . -0.41 13.40 -13.69
O1 GOL K . -0.28 13.42 -15.11
C2 GOL K . -0.55 14.84 -13.19
O2 GOL K . 0.57 15.56 -13.61
C3 GOL K . -1.80 15.48 -13.79
O3 GOL K . -1.89 16.85 -13.45
C1 GOL L . -14.91 -9.62 -16.63
O1 GOL L . -14.79 -10.11 -17.95
C2 GOL L . -13.68 -10.09 -15.88
O2 GOL L . -12.54 -9.44 -16.40
C3 GOL L . -13.84 -9.75 -14.39
O3 GOL L . -12.77 -10.25 -13.63
#